data_2DW2
#
_entry.id   2DW2
#
_cell.length_a   220.742
_cell.length_b   79.475
_cell.length_c   58.690
_cell.angle_alpha   90.00
_cell.angle_beta   91.73
_cell.angle_gamma   90.00
#
_symmetry.space_group_name_H-M   'C 1 2 1'
#
loop_
_entity.id
_entity.type
_entity.pdbx_description
1 polymer Catrocollastatin
2 branched 2-acetamido-2-deoxy-beta-D-glucopyranose-(1-2)-alpha-D-mannopyranose-(1-3)-[2-acetamido-2-deoxy-beta-D-glucopyranose-(1-2)-alpha-D-mannopyranose-(1-6)][2-acetamido-2-deoxy-beta-D-glucopyranose-(1-4)]beta-D-mannopyranose-(1-4)-2-acetamido-2-deoxy-beta-D-glucopyranose-(1-4)-[alpha-L-fucopyranose-(1-6)]2-acetamido-2-deoxy-beta-D-glucopyranose
3 non-polymer 'ZINC ION'
4 non-polymer 'CALCIUM ION'
5 water water
#
_entity_poly.entity_id   1
_entity_poly.type   'polypeptide(L)'
_entity_poly.pdbx_seq_one_letter_code
;HQKYNPFRFVELVLVVDKAMVTKNNGDLDKIKTRMYEIVNTVNEIYRYMYIHVALVGLEIWSNEDKITVKPEAGYTLNAF
GEWRKTDLLTRKKHDNAQLLTAIDLDRVIGLAYVGSMCHPKRSTGIIQDYSEINLVVAVIMAHEMGHNLGINHDSGYCSC
GDYACIMRPEISPEPSTFFSNCSYFECWDFIMNHNPECILNEPLGTDIISPPVCGNELLEVGEECDCGTPENCQNECCDA
ATCKLKSGSQCGHGDCCEQCKFSKSGTECRASMSECDPAEHCTGQSSECPADVFHKNGQPCLDNYGYCYNGNCPIMYHQC
YDLFGADVYEAEDSCFERNQKGNYYGYCRKENGNKIPCAPEDVKCGRLYCKDNSPGQNNPCKMFYSNEDEHKGMVLPGTK
CADGKVCSNGHCVDVATAY
;
_entity_poly.pdbx_strand_id   A,B
#
loop_
_chem_comp.id
_chem_comp.type
_chem_comp.name
_chem_comp.formula
BMA D-saccharide, beta linking beta-D-mannopyranose 'C6 H12 O6'
CA non-polymer 'CALCIUM ION' 'Ca 2'
FUC L-saccharide, alpha linking alpha-L-fucopyranose 'C6 H12 O5'
MAN D-saccharide, alpha linking alpha-D-mannopyranose 'C6 H12 O6'
NAG D-saccharide, beta linking 2-acetamido-2-deoxy-beta-D-glucopyranose 'C8 H15 N O6'
ZN non-polymer 'ZINC ION' 'Zn 2'
#
# COMPACT_ATOMS: atom_id res chain seq x y z
N ASN A 5 -8.14 15.24 13.49
CA ASN A 5 -8.98 14.27 14.25
C ASN A 5 -8.94 12.88 13.64
N PRO A 6 -8.52 11.88 14.43
CA PRO A 6 -8.42 10.49 13.98
C PRO A 6 -9.74 9.71 14.01
N PHE A 7 -10.61 10.07 14.94
CA PHE A 7 -11.91 9.42 15.11
C PHE A 7 -12.85 9.39 13.91
N ARG A 8 -13.59 8.28 13.81
CA ARG A 8 -14.57 8.07 12.75
C ARG A 8 -15.92 8.01 13.44
N PHE A 9 -16.99 8.35 12.74
CA PHE A 9 -18.31 8.33 13.35
C PHE A 9 -19.32 7.45 12.63
N VAL A 10 -19.92 6.53 13.35
CA VAL A 10 -20.93 5.64 12.78
C VAL A 10 -22.32 6.10 13.19
N GLU A 11 -23.00 6.79 12.28
CA GLU A 11 -24.34 7.28 12.55
C GLU A 11 -25.27 6.09 12.41
N LEU A 12 -25.68 5.56 13.56
CA LEU A 12 -26.52 4.38 13.63
C LEU A 12 -28.02 4.61 13.84
N VAL A 13 -28.80 3.68 13.31
CA VAL A 13 -30.25 3.68 13.45
C VAL A 13 -30.60 2.28 13.92
N LEU A 14 -31.38 2.19 15.00
CA LEU A 14 -31.79 0.90 15.52
C LEU A 14 -33.26 0.65 15.23
N VAL A 15 -33.55 -0.55 14.77
CA VAL A 15 -34.92 -0.93 14.48
C VAL A 15 -35.28 -2.07 15.43
N VAL A 16 -36.43 -1.94 16.08
CA VAL A 16 -36.91 -2.94 17.02
C VAL A 16 -38.21 -3.55 16.50
N ASP A 17 -38.21 -4.87 16.33
CA ASP A 17 -39.36 -5.60 15.80
C ASP A 17 -40.50 -5.78 16.80
N LYS A 18 -41.63 -6.26 16.30
CA LYS A 18 -42.82 -6.48 17.10
C LYS A 18 -42.57 -7.44 18.26
N ALA A 19 -41.89 -8.54 17.99
CA ALA A 19 -41.59 -9.54 19.02
C ALA A 19 -40.96 -8.84 20.22
N MET A 20 -40.05 -7.91 19.96
CA MET A 20 -39.37 -7.17 21.01
C MET A 20 -40.39 -6.39 21.84
N VAL A 21 -41.36 -5.78 21.16
CA VAL A 21 -42.38 -5.01 21.85
C VAL A 21 -43.22 -5.92 22.73
N THR A 22 -43.67 -7.03 22.16
CA THR A 22 -44.48 -7.99 22.90
C THR A 22 -43.67 -8.50 24.10
N LYS A 23 -42.39 -8.76 23.88
CA LYS A 23 -41.51 -9.23 24.94
C LYS A 23 -41.49 -8.25 26.11
N ASN A 24 -41.53 -6.96 25.80
CA ASN A 24 -41.49 -5.93 26.83
C ASN A 24 -42.86 -5.41 27.24
N ASN A 25 -43.88 -6.24 27.03
CA ASN A 25 -45.25 -5.89 27.41
C ASN A 25 -45.77 -4.56 26.87
N GLY A 26 -45.24 -4.14 25.72
CA GLY A 26 -45.69 -2.89 25.13
C GLY A 26 -45.13 -1.60 25.72
N ASP A 27 -44.21 -1.73 26.67
CA ASP A 27 -43.63 -0.55 27.31
C ASP A 27 -42.50 0.05 26.46
N LEU A 28 -42.88 0.87 25.49
CA LEU A 28 -41.93 1.52 24.58
C LEU A 28 -40.88 2.35 25.30
N ASP A 29 -41.32 3.05 26.34
CA ASP A 29 -40.43 3.89 27.14
C ASP A 29 -39.27 3.07 27.70
N LYS A 30 -39.59 1.85 28.14
CA LYS A 30 -38.59 0.96 28.70
C LYS A 30 -37.64 0.53 27.59
N ILE A 31 -38.20 0.24 26.42
CA ILE A 31 -37.41 -0.18 25.26
C ILE A 31 -36.43 0.91 24.85
N LYS A 32 -36.93 2.13 24.72
CA LYS A 32 -36.10 3.26 24.32
C LYS A 32 -34.98 3.52 25.32
N THR A 33 -35.33 3.54 26.59
CA THR A 33 -34.34 3.78 27.64
C THR A 33 -33.22 2.76 27.55
N ARG A 34 -33.58 1.49 27.38
CA ARG A 34 -32.60 0.43 27.29
C ARG A 34 -31.74 0.57 26.03
N MET A 35 -32.36 0.88 24.90
CA MET A 35 -31.63 1.05 23.64
C MET A 35 -30.58 2.14 23.79
N TYR A 36 -30.95 3.22 24.47
CA TYR A 36 -30.02 4.33 24.67
C TYR A 36 -28.79 3.86 25.42
N GLU A 37 -29.00 3.13 26.50
CA GLU A 37 -27.88 2.63 27.29
C GLU A 37 -26.99 1.68 26.50
N ILE A 38 -27.60 0.78 25.74
CA ILE A 38 -26.86 -0.19 24.96
C ILE A 38 -25.96 0.49 23.93
N VAL A 39 -26.51 1.43 23.17
CA VAL A 39 -25.73 2.13 22.16
C VAL A 39 -24.64 2.97 22.83
N ASN A 40 -24.87 3.35 24.08
CA ASN A 40 -23.89 4.12 24.83
C ASN A 40 -22.70 3.24 25.21
N THR A 41 -22.98 1.95 25.45
CA THR A 41 -21.94 1.00 25.79
C THR A 41 -21.19 0.58 24.52
N VAL A 42 -21.93 0.50 23.41
CA VAL A 42 -21.31 0.14 22.14
C VAL A 42 -20.29 1.22 21.79
N ASN A 43 -20.64 2.47 22.09
CA ASN A 43 -19.76 3.59 21.82
C ASN A 43 -18.46 3.50 22.64
N GLU A 44 -18.57 3.02 23.87
CA GLU A 44 -17.39 2.89 24.72
C GLU A 44 -16.49 1.81 24.12
N ILE A 45 -17.10 0.66 23.85
CA ILE A 45 -16.40 -0.48 23.27
C ILE A 45 -15.59 -0.10 22.03
N TYR A 46 -16.05 0.92 21.31
CA TYR A 46 -15.38 1.36 20.09
C TYR A 46 -14.38 2.49 20.28
N ARG A 47 -14.29 3.00 21.51
CA ARG A 47 -13.35 4.09 21.80
C ARG A 47 -11.95 3.64 21.39
N TYR A 48 -11.64 2.39 21.73
CA TYR A 48 -10.34 1.80 21.43
C TYR A 48 -10.04 1.83 19.94
N MET A 49 -11.06 1.58 19.12
CA MET A 49 -10.93 1.56 17.67
C MET A 49 -10.96 2.96 17.06
N TYR A 50 -10.82 3.97 17.90
CA TYR A 50 -10.86 5.35 17.44
C TYR A 50 -12.13 5.63 16.64
N ILE A 51 -13.22 5.01 17.05
CA ILE A 51 -14.50 5.19 16.39
C ILE A 51 -15.58 5.53 17.41
N HIS A 52 -16.52 6.38 17.00
CA HIS A 52 -17.63 6.76 17.87
C HIS A 52 -18.91 6.26 17.22
N VAL A 53 -19.90 5.94 18.04
CA VAL A 53 -21.17 5.46 17.55
C VAL A 53 -22.29 6.31 18.16
N ALA A 54 -23.07 6.96 17.31
CA ALA A 54 -24.14 7.81 17.79
C ALA A 54 -25.49 7.35 17.25
N LEU A 55 -26.50 7.34 18.12
CA LEU A 55 -27.84 6.91 17.73
C LEU A 55 -28.57 8.09 17.10
N VAL A 56 -28.72 8.06 15.77
CA VAL A 56 -29.40 9.14 15.07
C VAL A 56 -30.86 8.81 14.77
N GLY A 57 -31.27 7.57 15.06
CA GLY A 57 -32.64 7.18 14.81
C GLY A 57 -33.03 5.90 15.52
N LEU A 58 -34.28 5.83 15.95
CA LEU A 58 -34.79 4.65 16.65
C LEU A 58 -36.22 4.39 16.19
N GLU A 59 -36.41 3.29 15.46
CA GLU A 59 -37.72 2.93 14.96
C GLU A 59 -38.23 1.65 15.64
N ILE A 60 -39.40 1.74 16.26
CA ILE A 60 -40.02 0.61 16.96
C ILE A 60 -41.25 0.13 16.22
N TRP A 61 -41.23 -1.10 15.73
CA TRP A 61 -42.38 -1.65 15.01
C TRP A 61 -43.42 -2.22 15.99
N SER A 62 -44.02 -1.34 16.79
CA SER A 62 -45.02 -1.74 17.76
C SER A 62 -46.31 -2.29 17.15
N ASN A 63 -46.64 -1.85 15.95
CA ASN A 63 -47.86 -2.33 15.30
C ASN A 63 -47.57 -3.57 14.46
N GLU A 64 -46.82 -3.41 13.38
CA GLU A 64 -46.47 -4.54 12.54
C GLU A 64 -45.05 -4.42 12.01
N ASP A 65 -44.38 -5.57 11.81
CA ASP A 65 -43.03 -5.55 11.29
C ASP A 65 -43.11 -5.14 9.83
N LYS A 66 -42.16 -4.32 9.39
CA LYS A 66 -42.15 -3.86 8.01
C LYS A 66 -41.56 -4.88 7.05
N ILE A 67 -41.04 -5.97 7.62
CA ILE A 67 -40.50 -7.09 6.84
C ILE A 67 -40.93 -8.33 7.62
N THR A 68 -40.75 -9.50 7.02
CA THR A 68 -41.11 -10.73 7.71
C THR A 68 -39.88 -11.19 8.49
N VAL A 69 -39.96 -11.15 9.82
CA VAL A 69 -38.82 -11.55 10.63
C VAL A 69 -38.82 -13.05 10.86
N LYS A 70 -38.06 -13.77 10.03
CA LYS A 70 -37.98 -15.22 10.14
C LYS A 70 -36.78 -15.66 10.96
N PRO A 71 -36.92 -16.77 11.69
CA PRO A 71 -35.82 -17.28 12.51
C PRO A 71 -34.63 -17.66 11.65
N GLU A 72 -34.85 -17.67 10.34
CA GLU A 72 -33.81 -17.99 9.37
C GLU A 72 -33.06 -16.67 9.12
N ALA A 73 -31.95 -16.50 9.83
CA ALA A 73 -31.13 -15.28 9.76
C ALA A 73 -30.90 -14.71 8.36
N GLY A 74 -30.37 -15.53 7.46
CA GLY A 74 -30.11 -15.10 6.10
C GLY A 74 -31.28 -14.36 5.50
N TYR A 75 -32.44 -15.00 5.50
CA TYR A 75 -33.63 -14.38 4.95
C TYR A 75 -33.90 -13.02 5.59
N THR A 76 -33.80 -12.99 6.93
CA THR A 76 -34.06 -11.77 7.68
C THR A 76 -33.02 -10.67 7.43
N LEU A 77 -31.75 -11.02 7.43
CA LEU A 77 -30.70 -10.04 7.19
C LEU A 77 -30.94 -9.42 5.82
N ASN A 78 -31.16 -10.28 4.82
CA ASN A 78 -31.39 -9.83 3.46
C ASN A 78 -32.65 -8.96 3.35
N ALA A 79 -33.72 -9.39 3.98
CA ALA A 79 -34.98 -8.63 3.96
C ALA A 79 -34.78 -7.29 4.65
N PHE A 80 -34.10 -7.30 5.78
CA PHE A 80 -33.85 -6.07 6.51
C PHE A 80 -32.97 -5.12 5.71
N GLY A 81 -32.07 -5.70 4.90
CA GLY A 81 -31.18 -4.90 4.08
C GLY A 81 -31.93 -4.17 2.99
N GLU A 82 -32.71 -4.92 2.22
CA GLU A 82 -33.50 -4.35 1.13
C GLU A 82 -34.41 -3.27 1.69
N TRP A 83 -34.98 -3.52 2.85
CA TRP A 83 -35.88 -2.58 3.49
C TRP A 83 -35.19 -1.26 3.81
N ARG A 84 -33.94 -1.35 4.25
CA ARG A 84 -33.18 -0.15 4.58
C ARG A 84 -32.90 0.68 3.32
N LYS A 85 -32.54 0.02 2.24
CA LYS A 85 -32.23 0.68 0.97
C LYS A 85 -33.42 1.30 0.27
N THR A 86 -34.58 0.64 0.31
CA THR A 86 -35.76 1.14 -0.38
C THR A 86 -36.78 1.89 0.48
N ASP A 87 -36.58 1.90 1.79
CA ASP A 87 -37.53 2.57 2.67
C ASP A 87 -36.89 3.48 3.72
N LEU A 88 -36.22 2.90 4.70
CA LEU A 88 -35.59 3.69 5.76
C LEU A 88 -34.64 4.78 5.27
N LEU A 89 -33.59 4.37 4.57
CA LEU A 89 -32.57 5.30 4.07
C LEU A 89 -33.16 6.37 3.17
N THR A 90 -34.41 6.18 2.75
CA THR A 90 -35.07 7.13 1.87
C THR A 90 -35.72 8.29 2.65
N ARG A 91 -35.85 8.11 3.96
CA ARG A 91 -36.45 9.15 4.80
C ARG A 91 -35.61 9.48 6.03
N LYS A 92 -34.41 8.91 6.10
CA LYS A 92 -33.53 9.18 7.23
C LYS A 92 -32.11 8.83 6.82
N LYS A 93 -31.23 9.83 6.80
CA LYS A 93 -29.85 9.62 6.41
C LYS A 93 -29.03 9.10 7.59
N HIS A 94 -28.47 7.90 7.41
CA HIS A 94 -27.64 7.27 8.42
C HIS A 94 -26.60 6.39 7.75
N ASP A 95 -25.61 5.97 8.51
CA ASP A 95 -24.53 5.15 7.97
C ASP A 95 -24.71 3.64 8.15
N ASN A 96 -25.34 3.24 9.25
CA ASN A 96 -25.51 1.82 9.54
C ASN A 96 -26.82 1.57 10.30
N ALA A 97 -27.43 0.41 10.06
CA ALA A 97 -28.69 0.06 10.72
C ALA A 97 -28.68 -1.37 11.25
N GLN A 98 -29.15 -1.53 12.49
CA GLN A 98 -29.20 -2.84 13.13
C GLN A 98 -30.64 -3.13 13.57
N LEU A 99 -31.05 -4.38 13.43
CA LEU A 99 -32.39 -4.82 13.80
C LEU A 99 -32.32 -5.67 15.07
N LEU A 100 -32.99 -5.23 16.13
CA LEU A 100 -32.98 -5.98 17.37
C LEU A 100 -34.25 -6.82 17.41
N THR A 101 -34.10 -8.13 17.34
CA THR A 101 -35.26 -9.02 17.34
C THR A 101 -35.31 -9.92 18.58
N ALA A 102 -36.53 -10.16 19.06
CA ALA A 102 -36.74 -11.00 20.23
C ALA A 102 -36.98 -12.44 19.80
N ILE A 103 -37.02 -12.66 18.49
CA ILE A 103 -37.25 -13.98 17.95
C ILE A 103 -36.02 -14.86 18.14
N ASP A 104 -36.24 -16.16 18.33
CA ASP A 104 -35.15 -17.09 18.54
C ASP A 104 -34.59 -17.57 17.20
N LEU A 105 -33.54 -16.89 16.75
CA LEU A 105 -32.90 -17.19 15.48
C LEU A 105 -32.38 -18.63 15.40
N ASP A 106 -32.29 -19.16 14.19
CA ASP A 106 -31.78 -20.52 14.00
C ASP A 106 -30.27 -20.58 14.05
N ARG A 107 -29.75 -21.37 14.98
CA ARG A 107 -28.31 -21.58 15.13
C ARG A 107 -27.45 -20.39 15.54
N VAL A 108 -27.78 -19.20 15.04
CA VAL A 108 -27.00 -18.01 15.38
C VAL A 108 -27.79 -17.04 16.27
N ILE A 109 -27.08 -16.08 16.85
CA ILE A 109 -27.72 -15.08 17.70
C ILE A 109 -27.54 -13.71 17.05
N GLY A 110 -27.03 -13.71 15.83
CA GLY A 110 -26.82 -12.48 15.09
C GLY A 110 -26.31 -12.78 13.69
N LEU A 111 -26.31 -11.76 12.83
CA LEU A 111 -25.85 -11.93 11.46
C LEU A 111 -25.64 -10.58 10.79
N ALA A 112 -24.57 -10.46 10.00
CA ALA A 112 -24.28 -9.20 9.32
C ALA A 112 -23.28 -9.37 8.19
N TYR A 113 -23.48 -8.62 7.12
CA TYR A 113 -22.59 -8.64 5.96
C TYR A 113 -21.20 -8.17 6.41
N VAL A 114 -20.14 -8.59 5.70
CA VAL A 114 -18.78 -8.19 6.07
C VAL A 114 -18.20 -7.10 5.18
N GLY A 115 -17.46 -6.18 5.80
CA GLY A 115 -16.84 -5.09 5.07
C GLY A 115 -17.82 -4.41 4.15
N SER A 116 -18.93 -3.93 4.72
CA SER A 116 -19.96 -3.29 3.93
C SER A 116 -20.47 -1.97 4.52
N MET A 117 -19.70 -1.38 5.44
CA MET A 117 -20.09 -0.12 6.04
C MET A 117 -20.39 0.91 4.96
N CYS A 118 -21.54 1.58 5.09
CA CYS A 118 -22.00 2.61 4.15
C CYS A 118 -22.80 2.10 2.96
N HIS A 119 -22.68 0.82 2.62
CA HIS A 119 -23.45 0.29 1.50
C HIS A 119 -24.93 0.41 1.84
N PRO A 120 -25.73 0.98 0.93
CA PRO A 120 -27.17 1.14 1.16
C PRO A 120 -27.89 -0.09 1.71
N LYS A 121 -27.53 -1.28 1.24
CA LYS A 121 -28.17 -2.51 1.70
C LYS A 121 -27.33 -3.32 2.69
N ARG A 122 -26.07 -3.52 2.35
CA ARG A 122 -25.17 -4.32 3.18
C ARG A 122 -24.59 -3.67 4.42
N SER A 123 -24.95 -2.42 4.69
CA SER A 123 -24.45 -1.76 5.89
C SER A 123 -25.45 -2.04 7.01
N THR A 124 -25.78 -3.31 7.17
CA THR A 124 -26.75 -3.73 8.17
C THR A 124 -26.37 -5.04 8.88
N GLY A 125 -27.15 -5.37 9.90
CA GLY A 125 -26.93 -6.59 10.66
C GLY A 125 -28.11 -6.82 11.57
N ILE A 126 -28.43 -8.09 11.85
CA ILE A 126 -29.54 -8.39 12.74
C ILE A 126 -28.97 -8.92 14.05
N ILE A 127 -29.67 -8.63 15.14
CA ILE A 127 -29.22 -9.05 16.46
C ILE A 127 -30.40 -9.58 17.26
N GLN A 128 -30.17 -10.66 18.01
CA GLN A 128 -31.22 -11.26 18.85
C GLN A 128 -31.10 -10.76 20.28
N ASP A 129 -32.23 -10.45 20.91
CA ASP A 129 -32.24 -9.99 22.29
C ASP A 129 -31.98 -11.20 23.18
N TYR A 130 -30.84 -11.81 22.94
CA TYR A 130 -30.34 -13.01 23.61
C TYR A 130 -30.31 -12.99 25.15
N SER A 131 -30.12 -11.81 25.74
CA SER A 131 -30.04 -11.72 27.20
C SER A 131 -30.56 -10.41 27.80
N GLU A 132 -30.84 -10.44 29.09
CA GLU A 132 -31.31 -9.26 29.82
C GLU A 132 -30.16 -8.37 30.26
N ILE A 133 -28.94 -8.91 30.24
CA ILE A 133 -27.75 -8.17 30.63
C ILE A 133 -27.32 -7.24 29.50
N ASN A 134 -27.66 -5.96 29.62
CA ASN A 134 -27.33 -4.96 28.60
C ASN A 134 -25.97 -5.16 27.93
N LEU A 135 -24.94 -5.43 28.72
CA LEU A 135 -23.60 -5.63 28.17
C LEU A 135 -23.55 -6.75 27.15
N VAL A 136 -24.21 -7.86 27.44
CA VAL A 136 -24.22 -8.99 26.52
C VAL A 136 -24.78 -8.59 25.17
N VAL A 137 -25.91 -7.90 25.16
CA VAL A 137 -26.52 -7.48 23.90
C VAL A 137 -25.66 -6.42 23.22
N ALA A 138 -25.08 -5.52 24.01
CA ALA A 138 -24.23 -4.48 23.45
C ALA A 138 -23.06 -5.13 22.72
N VAL A 139 -22.46 -6.14 23.34
CA VAL A 139 -21.33 -6.83 22.71
C VAL A 139 -21.76 -7.46 21.39
N ILE A 140 -22.94 -8.08 21.35
CA ILE A 140 -23.42 -8.69 20.11
C ILE A 140 -23.60 -7.60 19.04
N MET A 141 -24.17 -6.48 19.44
CA MET A 141 -24.39 -5.37 18.53
C MET A 141 -23.05 -4.91 17.94
N ALA A 142 -22.07 -4.69 18.81
CA ALA A 142 -20.74 -4.26 18.38
C ALA A 142 -20.13 -5.29 17.44
N HIS A 143 -20.22 -6.55 17.84
CA HIS A 143 -19.68 -7.67 17.06
C HIS A 143 -20.22 -7.62 15.63
N GLU A 144 -21.53 -7.47 15.49
CA GLU A 144 -22.14 -7.42 14.17
C GLU A 144 -21.71 -6.20 13.37
N MET A 145 -21.54 -5.06 14.05
CA MET A 145 -21.09 -3.85 13.37
C MET A 145 -19.64 -4.07 12.95
N GLY A 146 -18.93 -4.87 13.74
CA GLY A 146 -17.54 -5.18 13.43
C GLY A 146 -17.43 -5.82 12.07
N HIS A 147 -18.22 -6.86 11.83
CA HIS A 147 -18.20 -7.52 10.54
C HIS A 147 -18.43 -6.47 9.47
N ASN A 148 -19.33 -5.54 9.75
CA ASN A 148 -19.63 -4.46 8.80
C ASN A 148 -18.37 -3.66 8.48
N LEU A 149 -17.55 -3.44 9.51
CA LEU A 149 -16.31 -2.69 9.37
C LEU A 149 -15.18 -3.60 8.89
N GLY A 150 -15.53 -4.59 8.09
CA GLY A 150 -14.54 -5.52 7.57
C GLY A 150 -13.76 -6.31 8.61
N ILE A 151 -14.31 -6.46 9.81
CA ILE A 151 -13.62 -7.20 10.86
C ILE A 151 -14.10 -8.65 10.90
N ASN A 152 -13.17 -9.57 11.12
CA ASN A 152 -13.51 -10.99 11.19
C ASN A 152 -13.24 -11.55 12.59
N HIS A 153 -13.66 -12.79 12.81
CA HIS A 153 -13.50 -13.45 14.09
C HIS A 153 -12.06 -13.61 14.53
N ASP A 154 -11.85 -13.63 15.85
CA ASP A 154 -10.52 -13.81 16.40
C ASP A 154 -10.09 -15.27 16.28
N SER A 155 -8.79 -15.49 16.32
CA SER A 155 -8.24 -16.83 16.23
C SER A 155 -6.80 -16.77 16.68
N GLY A 156 -6.18 -17.94 16.83
CA GLY A 156 -4.80 -17.99 17.26
C GLY A 156 -4.52 -17.07 18.44
N TYR A 157 -3.37 -16.40 18.38
CA TYR A 157 -2.95 -15.53 19.46
C TYR A 157 -3.48 -14.09 19.42
N CYS A 158 -4.73 -13.90 19.04
CA CYS A 158 -5.31 -12.56 19.04
C CYS A 158 -5.73 -12.32 20.49
N SER A 159 -5.35 -11.17 21.05
CA SER A 159 -5.71 -10.91 22.44
C SER A 159 -6.20 -9.48 22.70
N CYS A 160 -6.75 -9.32 23.90
CA CYS A 160 -7.29 -8.05 24.37
C CYS A 160 -7.13 -8.13 25.89
N GLY A 161 -6.08 -8.83 26.31
CA GLY A 161 -5.82 -9.03 27.73
C GLY A 161 -6.45 -10.36 28.09
N ASP A 162 -6.52 -10.70 29.37
CA ASP A 162 -7.13 -11.97 29.76
C ASP A 162 -8.66 -11.81 29.77
N TYR A 163 -9.19 -11.26 28.69
CA TYR A 163 -10.63 -11.03 28.56
C TYR A 163 -11.17 -11.57 27.25
N ALA A 164 -12.44 -11.97 27.26
CA ALA A 164 -13.11 -12.49 26.08
C ALA A 164 -13.35 -11.28 25.17
N CYS A 165 -12.67 -11.24 24.04
CA CYS A 165 -12.80 -10.11 23.12
C CYS A 165 -14.07 -10.12 22.28
N ILE A 166 -14.49 -8.95 21.86
CA ILE A 166 -15.71 -8.77 21.05
C ILE A 166 -15.83 -9.63 19.79
N MET A 167 -14.74 -9.84 19.08
CA MET A 167 -14.82 -10.62 17.85
C MET A 167 -14.52 -12.11 17.94
N ARG A 168 -14.96 -12.75 19.02
CA ARG A 168 -14.78 -14.19 19.18
C ARG A 168 -15.90 -14.88 18.40
N PRO A 169 -15.66 -16.11 17.92
CA PRO A 169 -16.70 -16.82 17.17
C PRO A 169 -18.05 -16.86 17.89
N GLU A 170 -18.05 -17.10 19.19
CA GLU A 170 -19.31 -17.10 19.94
C GLU A 170 -19.22 -16.27 21.22
N ILE A 171 -20.28 -15.54 21.52
CA ILE A 171 -20.34 -14.68 22.69
C ILE A 171 -20.02 -15.39 23.99
N SER A 172 -19.24 -14.74 24.84
CA SER A 172 -18.85 -15.29 26.12
C SER A 172 -19.87 -15.04 27.23
N PRO A 173 -19.94 -15.94 28.22
CA PRO A 173 -20.88 -15.82 29.34
C PRO A 173 -20.41 -14.73 30.30
N GLU A 174 -19.16 -14.32 30.14
CA GLU A 174 -18.57 -13.27 30.96
C GLU A 174 -17.86 -12.33 30.00
N PRO A 175 -18.62 -11.73 29.07
CA PRO A 175 -18.14 -10.80 28.04
C PRO A 175 -17.44 -9.54 28.54
N SER A 176 -16.54 -9.02 27.70
CA SER A 176 -15.80 -7.82 28.03
C SER A 176 -16.17 -6.75 26.99
N THR A 177 -15.60 -5.57 27.14
CA THR A 177 -15.85 -4.45 26.24
C THR A 177 -14.65 -4.20 25.33
N PHE A 178 -13.66 -5.11 25.40
CA PHE A 178 -12.43 -4.96 24.63
C PHE A 178 -12.33 -5.74 23.31
N PHE A 179 -11.83 -5.07 22.29
CA PHE A 179 -11.61 -5.65 20.96
C PHE A 179 -10.21 -6.28 20.99
N SER A 180 -9.91 -7.17 20.06
CA SER A 180 -8.59 -7.78 20.03
C SER A 180 -7.70 -6.90 19.14
N ASN A 181 -6.39 -6.96 19.36
CA ASN A 181 -5.48 -6.17 18.55
C ASN A 181 -5.71 -6.51 17.07
N CYS A 182 -6.13 -7.75 16.82
CA CYS A 182 -6.40 -8.20 15.45
C CYS A 182 -7.58 -7.40 14.89
N SER A 183 -8.64 -7.25 15.68
CA SER A 183 -9.82 -6.51 15.26
C SER A 183 -9.45 -5.07 14.92
N TYR A 184 -8.49 -4.51 15.64
CA TYR A 184 -8.06 -3.14 15.41
C TYR A 184 -7.43 -3.00 14.03
N PHE A 185 -6.29 -3.65 13.84
CA PHE A 185 -5.57 -3.60 12.57
C PHE A 185 -6.47 -3.97 11.39
N GLU A 186 -7.25 -5.02 11.59
CA GLU A 186 -8.17 -5.51 10.56
C GLU A 186 -9.19 -4.43 10.24
N CYS A 187 -9.74 -3.82 11.28
CA CYS A 187 -10.72 -2.75 11.14
C CYS A 187 -10.16 -1.58 10.33
N TRP A 188 -8.98 -1.11 10.70
CA TRP A 188 -8.38 0.00 9.98
C TRP A 188 -7.84 -0.39 8.61
N ASP A 189 -7.51 -1.66 8.43
CA ASP A 189 -7.03 -2.09 7.13
C ASP A 189 -8.19 -1.87 6.16
N PHE A 190 -9.40 -2.08 6.66
CA PHE A 190 -10.61 -1.90 5.87
C PHE A 190 -10.81 -0.44 5.50
N ILE A 191 -10.67 0.44 6.49
CA ILE A 191 -10.85 1.87 6.29
C ILE A 191 -9.75 2.49 5.42
N MET A 192 -8.58 1.88 5.40
CA MET A 192 -7.48 2.38 4.59
C MET A 192 -7.67 2.00 3.14
N ASN A 193 -7.87 0.70 2.88
CA ASN A 193 -8.07 0.19 1.52
C ASN A 193 -9.41 0.66 0.98
N HIS A 194 -10.50 0.09 1.47
CA HIS A 194 -11.83 0.53 1.06
C HIS A 194 -12.00 1.85 1.80
N ASN A 195 -12.79 2.77 1.28
CA ASN A 195 -12.95 4.04 1.98
C ASN A 195 -14.36 4.40 2.42
N PRO A 196 -14.76 3.93 3.62
CA PRO A 196 -16.10 4.21 4.16
C PRO A 196 -16.22 5.72 4.39
N GLU A 197 -16.47 6.45 3.32
CA GLU A 197 -16.58 7.90 3.39
C GLU A 197 -17.72 8.38 4.31
N CYS A 198 -18.82 7.64 4.32
CA CYS A 198 -19.98 8.01 5.10
C CYS A 198 -19.78 8.11 6.62
N ILE A 199 -18.67 7.56 7.13
CA ILE A 199 -18.42 7.62 8.57
C ILE A 199 -17.38 8.68 8.96
N LEU A 200 -17.05 9.57 8.04
CA LEU A 200 -16.08 10.63 8.30
C LEU A 200 -16.71 11.79 9.05
N ASN A 201 -17.86 12.24 8.57
CA ASN A 201 -18.58 13.35 9.17
C ASN A 201 -18.93 13.13 10.63
N GLU A 202 -18.70 14.17 11.44
CA GLU A 202 -19.01 14.12 12.86
C GLU A 202 -20.49 14.48 13.00
N PRO A 203 -21.29 13.60 13.60
CA PRO A 203 -22.71 13.92 13.74
C PRO A 203 -22.97 15.21 14.53
N LEU A 204 -24.04 15.90 14.19
CA LEU A 204 -24.41 17.13 14.87
C LEU A 204 -25.31 16.80 16.06
N GLY A 205 -25.13 17.53 17.15
CA GLY A 205 -25.93 17.31 18.35
C GLY A 205 -27.38 16.97 18.10
N THR A 206 -28.05 17.77 17.27
CA THR A 206 -29.46 17.57 16.96
C THR A 206 -29.76 16.26 16.21
N ASP A 207 -28.75 15.71 15.55
CA ASP A 207 -28.93 14.46 14.81
C ASP A 207 -29.02 13.25 15.74
N ILE A 208 -28.60 13.44 16.98
CA ILE A 208 -28.61 12.39 17.98
C ILE A 208 -29.95 12.36 18.74
N ILE A 209 -30.68 11.27 18.58
CA ILE A 209 -31.99 11.10 19.20
C ILE A 209 -31.92 10.68 20.66
N SER A 210 -30.79 10.10 21.05
CA SER A 210 -30.62 9.64 22.42
C SER A 210 -30.34 10.81 23.36
N PRO A 211 -30.87 10.75 24.58
CA PRO A 211 -30.65 11.81 25.56
C PRO A 211 -29.16 12.09 25.66
N PRO A 212 -28.77 13.38 25.66
CA PRO A 212 -27.34 13.66 25.76
C PRO A 212 -26.72 13.07 27.01
N VAL A 213 -25.49 12.58 26.87
CA VAL A 213 -24.75 12.01 27.98
C VAL A 213 -23.43 12.73 28.11
N CYS A 214 -23.16 13.28 29.29
CA CYS A 214 -21.91 13.98 29.50
C CYS A 214 -20.78 13.02 29.84
N GLY A 215 -19.80 12.91 28.93
CA GLY A 215 -18.68 12.03 29.16
C GLY A 215 -18.60 10.87 28.17
N ASN A 216 -19.48 10.90 27.16
CA ASN A 216 -19.50 9.85 26.16
C ASN A 216 -18.63 10.24 24.95
N GLU A 217 -17.96 11.37 25.08
CA GLU A 217 -17.07 11.88 24.04
C GLU A 217 -17.81 12.32 22.79
N LEU A 218 -19.11 12.55 22.92
CA LEU A 218 -19.94 13.01 21.82
C LEU A 218 -20.51 14.37 22.18
N LEU A 219 -20.01 15.42 21.52
CA LEU A 219 -20.50 16.75 21.80
C LEU A 219 -21.99 16.76 21.44
N GLU A 220 -22.82 16.83 22.47
CA GLU A 220 -24.26 16.80 22.26
C GLU A 220 -24.95 18.08 22.71
N VAL A 221 -26.14 18.31 22.18
CA VAL A 221 -26.93 19.48 22.50
C VAL A 221 -26.97 19.79 24.00
N GLY A 222 -26.69 21.04 24.35
CA GLY A 222 -26.70 21.45 25.74
C GLY A 222 -25.33 21.40 26.37
N GLU A 223 -24.40 20.70 25.73
CA GLU A 223 -23.04 20.59 26.25
C GLU A 223 -22.08 21.55 25.56
N GLU A 224 -21.23 22.20 26.33
CA GLU A 224 -20.24 23.12 25.77
C GLU A 224 -19.09 22.28 25.24
N CYS A 225 -18.80 21.19 25.93
CA CYS A 225 -17.73 20.30 25.54
C CYS A 225 -17.91 18.92 26.15
N ASP A 226 -17.25 17.92 25.57
CA ASP A 226 -17.33 16.56 26.08
C ASP A 226 -16.03 15.83 25.79
N CYS A 227 -15.19 15.67 26.81
CA CYS A 227 -13.91 14.98 26.64
C CYS A 227 -13.89 13.63 27.34
N GLY A 228 -15.03 12.95 27.38
CA GLY A 228 -15.10 11.65 28.02
C GLY A 228 -15.14 11.76 29.54
N THR A 229 -14.63 10.74 30.21
CA THR A 229 -14.61 10.73 31.66
C THR A 229 -13.42 11.54 32.15
N PRO A 230 -13.46 12.00 33.42
CA PRO A 230 -12.37 12.78 34.00
C PRO A 230 -11.04 12.06 33.84
N GLU A 231 -11.07 10.74 33.93
CA GLU A 231 -9.87 9.93 33.78
C GLU A 231 -9.30 9.96 32.36
N ASN A 232 -10.19 9.84 31.37
CA ASN A 232 -9.78 9.83 29.98
C ASN A 232 -9.63 11.20 29.32
N CYS A 233 -10.17 12.23 29.96
CA CYS A 233 -10.12 13.58 29.39
C CYS A 233 -8.72 14.08 29.10
N GLN A 234 -8.51 14.53 27.88
CA GLN A 234 -7.23 15.06 27.44
C GLN A 234 -7.43 16.48 26.94
N ASN A 235 -8.60 17.05 27.26
CA ASN A 235 -8.94 18.40 26.85
C ASN A 235 -8.74 19.40 27.98
N GLU A 236 -7.72 20.25 27.85
CA GLU A 236 -7.43 21.26 28.86
C GLU A 236 -8.56 22.29 28.96
N CYS A 237 -9.36 22.37 27.90
CA CYS A 237 -10.45 23.34 27.85
C CYS A 237 -11.74 22.86 28.50
N CYS A 238 -11.87 21.55 28.64
CA CYS A 238 -13.10 20.99 29.19
C CYS A 238 -13.01 20.47 30.62
N ASP A 239 -14.13 20.62 31.33
CA ASP A 239 -14.25 20.12 32.70
C ASP A 239 -15.04 18.84 32.59
N ALA A 240 -14.36 17.77 32.19
CA ALA A 240 -14.95 16.45 32.01
C ALA A 240 -16.20 16.16 32.85
N ALA A 241 -16.08 16.31 34.16
CA ALA A 241 -17.18 16.04 35.06
C ALA A 241 -18.49 16.75 34.75
N THR A 242 -18.43 17.96 34.19
CA THR A 242 -19.64 18.72 33.92
C THR A 242 -19.92 19.07 32.45
N CYS A 243 -18.95 18.83 31.57
CA CYS A 243 -19.11 19.15 30.15
C CYS A 243 -19.23 20.66 29.95
N LYS A 244 -18.58 21.41 30.83
CA LYS A 244 -18.57 22.86 30.78
C LYS A 244 -17.13 23.28 30.49
N LEU A 245 -16.95 24.30 29.65
CA LEU A 245 -15.60 24.76 29.34
C LEU A 245 -15.01 25.43 30.57
N LYS A 246 -13.69 25.39 30.70
CA LYS A 246 -13.02 26.03 31.81
C LYS A 246 -13.30 27.52 31.70
N SER A 247 -13.34 28.21 32.83
CA SER A 247 -13.58 29.65 32.80
C SER A 247 -12.46 30.29 31.98
N GLY A 248 -12.84 31.19 31.09
CA GLY A 248 -11.84 31.85 30.26
C GLY A 248 -11.70 31.25 28.87
N SER A 249 -12.15 30.02 28.69
CA SER A 249 -12.06 29.37 27.39
C SER A 249 -13.15 29.88 26.46
N GLN A 250 -12.80 30.00 25.18
CA GLN A 250 -13.77 30.48 24.20
C GLN A 250 -14.39 29.27 23.50
N CYS A 251 -13.57 28.24 23.31
CA CYS A 251 -14.00 27.02 22.65
C CYS A 251 -13.31 25.82 23.28
N GLY A 252 -13.69 24.62 22.86
CA GLY A 252 -13.10 23.41 23.38
C GLY A 252 -12.99 22.34 22.32
N HIS A 253 -13.34 22.71 21.08
CA HIS A 253 -13.29 21.79 19.96
C HIS A 253 -13.48 22.56 18.67
N GLY A 254 -13.15 21.94 17.54
CA GLY A 254 -13.32 22.62 16.26
C GLY A 254 -12.01 22.92 15.57
N ASP A 255 -12.02 22.86 14.25
CA ASP A 255 -10.84 23.13 13.44
C ASP A 255 -10.31 24.53 13.68
N CYS A 256 -11.15 25.40 14.24
CA CYS A 256 -10.76 26.77 14.51
C CYS A 256 -10.63 27.05 16.00
N CYS A 257 -10.24 26.02 16.75
CA CYS A 257 -10.07 26.16 18.19
C CYS A 257 -8.62 25.79 18.54
N GLU A 258 -7.84 26.79 18.91
CA GLU A 258 -6.44 26.55 19.25
C GLU A 258 -6.17 26.86 20.71
N GLN A 259 -5.80 25.82 21.45
CA GLN A 259 -5.52 25.96 22.86
C GLN A 259 -6.64 26.70 23.58
N CYS A 260 -7.86 26.18 23.44
CA CYS A 260 -9.04 26.74 24.09
C CYS A 260 -9.48 28.10 23.59
N LYS A 261 -8.88 28.56 22.49
CA LYS A 261 -9.24 29.87 21.95
C LYS A 261 -9.58 29.82 20.48
N PHE A 262 -10.21 30.89 19.99
CA PHE A 262 -10.59 30.99 18.59
C PHE A 262 -9.32 31.27 17.80
N SER A 263 -9.13 30.55 16.70
CA SER A 263 -7.96 30.77 15.88
C SER A 263 -7.99 32.20 15.34
N LYS A 264 -6.84 32.75 15.02
CA LYS A 264 -6.77 34.11 14.49
C LYS A 264 -7.50 34.21 13.16
N SER A 265 -8.32 35.26 13.03
CA SER A 265 -9.07 35.49 11.80
C SER A 265 -8.16 35.32 10.60
N GLY A 266 -8.59 34.51 9.64
CA GLY A 266 -7.79 34.29 8.46
C GLY A 266 -6.91 33.04 8.48
N THR A 267 -6.88 32.31 9.59
CA THR A 267 -6.07 31.09 9.63
C THR A 267 -6.78 29.99 8.85
N GLU A 268 -6.05 29.39 7.91
CA GLU A 268 -6.59 28.33 7.07
C GLU A 268 -7.07 27.13 7.87
N CYS A 269 -8.33 26.76 7.71
CA CYS A 269 -8.88 25.62 8.43
C CYS A 269 -9.28 24.46 7.51
N ARG A 270 -9.37 24.72 6.22
CA ARG A 270 -9.67 23.66 5.25
C ARG A 270 -8.86 23.94 3.99
N ALA A 271 -7.78 23.20 3.83
CA ALA A 271 -6.88 23.35 2.70
C ALA A 271 -7.56 23.24 1.34
N SER A 272 -6.92 23.82 0.33
CA SER A 272 -7.41 23.82 -1.04
C SER A 272 -6.95 22.59 -1.82
N MET A 273 -7.91 21.80 -2.32
CA MET A 273 -7.57 20.62 -3.11
C MET A 273 -6.86 21.04 -4.39
N SER A 274 -7.43 22.02 -5.09
CA SER A 274 -6.87 22.54 -6.33
C SER A 274 -7.40 23.97 -6.53
N GLU A 275 -7.05 24.59 -7.65
CA GLU A 275 -7.51 25.94 -7.92
C GLU A 275 -9.03 26.02 -7.94
N CYS A 276 -9.68 24.89 -8.23
CA CYS A 276 -11.14 24.85 -8.27
C CYS A 276 -11.73 24.74 -6.88
N ASP A 277 -10.87 24.64 -5.87
CA ASP A 277 -11.32 24.53 -4.48
C ASP A 277 -10.78 25.62 -3.57
N PRO A 278 -11.47 26.77 -3.50
CA PRO A 278 -10.96 27.84 -2.62
C PRO A 278 -10.97 27.40 -1.17
N ALA A 279 -9.83 27.55 -0.50
CA ALA A 279 -9.74 27.15 0.89
C ALA A 279 -10.60 28.04 1.76
N GLU A 280 -10.92 27.55 2.95
CA GLU A 280 -11.71 28.33 3.89
C GLU A 280 -10.79 28.77 5.02
N HIS A 281 -11.12 29.89 5.65
CA HIS A 281 -10.29 30.42 6.73
C HIS A 281 -11.16 30.74 7.95
N CYS A 282 -10.57 30.64 9.13
CA CYS A 282 -11.31 30.93 10.37
C CYS A 282 -11.69 32.40 10.43
N THR A 283 -12.81 32.69 11.08
CA THR A 283 -13.30 34.05 11.20
C THR A 283 -12.64 34.77 12.38
N GLY A 284 -12.33 34.02 13.43
CA GLY A 284 -11.73 34.60 14.61
C GLY A 284 -12.81 34.80 15.65
N GLN A 285 -14.04 34.52 15.26
CA GLN A 285 -15.19 34.65 16.15
C GLN A 285 -15.81 33.31 16.49
N SER A 286 -15.41 32.27 15.79
CA SER A 286 -15.96 30.94 16.03
C SER A 286 -14.90 29.85 16.04
N SER A 287 -15.27 28.68 16.55
CA SER A 287 -14.36 27.56 16.61
C SER A 287 -14.63 26.65 15.42
N GLU A 288 -15.70 26.95 14.69
CA GLU A 288 -16.10 26.16 13.52
C GLU A 288 -15.56 26.75 12.24
N CYS A 289 -15.14 25.87 11.34
CA CYS A 289 -14.60 26.28 10.05
C CYS A 289 -15.75 26.44 9.07
N PRO A 290 -15.80 27.57 8.35
CA PRO A 290 -16.86 27.83 7.38
C PRO A 290 -17.08 26.69 6.37
N ALA A 291 -18.30 26.58 5.87
CA ALA A 291 -18.69 25.55 4.92
C ALA A 291 -17.73 25.45 3.73
N ASP A 292 -17.59 24.24 3.20
CA ASP A 292 -16.71 24.01 2.07
C ASP A 292 -17.33 24.56 0.79
N VAL A 293 -16.61 25.48 0.16
CA VAL A 293 -17.06 26.09 -1.07
C VAL A 293 -16.21 25.64 -2.25
N PHE A 294 -16.88 25.36 -3.38
CA PHE A 294 -16.22 24.93 -4.59
C PHE A 294 -16.52 25.94 -5.67
N HIS A 295 -15.60 26.11 -6.62
CA HIS A 295 -15.87 27.02 -7.72
C HIS A 295 -16.84 26.26 -8.64
N LYS A 296 -17.50 26.96 -9.54
CA LYS A 296 -18.46 26.33 -10.43
C LYS A 296 -17.86 25.22 -11.30
N ASN A 297 -18.62 24.16 -11.48
CA ASN A 297 -18.20 23.05 -12.32
C ASN A 297 -18.23 23.55 -13.76
N GLY A 298 -17.27 23.12 -14.57
CA GLY A 298 -17.23 23.54 -15.95
C GLY A 298 -16.35 24.76 -16.17
N GLN A 299 -15.88 25.35 -15.08
CA GLN A 299 -15.01 26.51 -15.16
C GLN A 299 -13.63 26.06 -15.59
N PRO A 300 -13.06 26.70 -16.63
CA PRO A 300 -11.73 26.32 -17.09
C PRO A 300 -10.70 26.37 -15.96
N CYS A 301 -9.81 25.38 -15.93
CA CYS A 301 -8.78 25.30 -14.89
C CYS A 301 -7.46 24.76 -15.44
N LEU A 302 -6.39 24.93 -14.67
CA LEU A 302 -5.06 24.47 -15.04
C LEU A 302 -4.67 24.95 -16.44
N ASP A 303 -4.65 26.27 -16.61
CA ASP A 303 -4.29 26.89 -17.88
C ASP A 303 -5.06 26.31 -19.06
N ASN A 304 -6.38 26.27 -18.91
CA ASN A 304 -7.27 25.76 -19.96
C ASN A 304 -6.96 24.33 -20.41
N TYR A 305 -6.66 23.45 -19.46
CA TYR A 305 -6.39 22.05 -19.79
C TYR A 305 -7.51 21.19 -19.24
N GLY A 306 -8.31 21.75 -18.34
CA GLY A 306 -9.41 21.03 -17.77
C GLY A 306 -10.55 21.94 -17.37
N TYR A 307 -11.59 21.37 -16.80
CA TYR A 307 -12.74 22.14 -16.34
C TYR A 307 -13.03 21.69 -14.92
N CYS A 308 -13.36 22.63 -14.06
CA CYS A 308 -13.64 22.30 -12.67
C CYS A 308 -14.73 21.26 -12.51
N TYR A 309 -14.48 20.29 -11.63
CA TYR A 309 -15.47 19.26 -11.34
C TYR A 309 -15.40 18.93 -9.86
N ASN A 310 -16.41 19.39 -9.12
CA ASN A 310 -16.51 19.17 -7.68
C ASN A 310 -15.26 19.52 -6.89
N GLY A 311 -14.67 20.68 -7.18
CA GLY A 311 -13.52 21.12 -6.44
C GLY A 311 -12.17 20.65 -6.95
N ASN A 312 -12.16 19.98 -8.11
CA ASN A 312 -10.91 19.50 -8.68
C ASN A 312 -10.78 19.81 -10.16
N CYS A 313 -9.60 19.57 -10.70
CA CYS A 313 -9.35 19.82 -12.12
C CYS A 313 -8.73 18.59 -12.78
N PRO A 314 -9.51 17.51 -12.89
CA PRO A 314 -9.03 16.27 -13.51
C PRO A 314 -8.60 16.41 -14.97
N ILE A 315 -7.37 15.99 -15.25
CA ILE A 315 -6.85 16.03 -16.62
C ILE A 315 -6.05 14.75 -16.88
N MET A 316 -6.02 14.33 -18.15
CA MET A 316 -5.31 13.12 -18.54
C MET A 316 -3.89 13.07 -17.93
N TYR A 317 -3.09 14.09 -18.20
CA TYR A 317 -1.72 14.13 -17.71
C TYR A 317 -1.55 13.83 -16.22
N HIS A 318 -2.27 14.54 -15.35
CA HIS A 318 -2.14 14.30 -13.92
C HIS A 318 -2.62 12.90 -13.57
N GLN A 319 -3.70 12.45 -14.21
CA GLN A 319 -4.23 11.12 -13.94
C GLN A 319 -3.22 10.03 -14.28
N CYS A 320 -2.41 10.24 -15.32
CA CYS A 320 -1.39 9.26 -15.68
C CYS A 320 -0.29 9.26 -14.62
N TYR A 321 0.13 10.45 -14.20
CA TYR A 321 1.15 10.58 -13.18
C TYR A 321 0.74 9.87 -11.89
N ASP A 322 -0.51 10.06 -11.48
CA ASP A 322 -1.00 9.42 -10.26
C ASP A 322 -0.93 7.90 -10.33
N LEU A 323 -0.85 7.35 -11.54
CA LEU A 323 -0.78 5.91 -11.72
C LEU A 323 0.61 5.33 -11.95
N PHE A 324 1.39 5.98 -12.80
CA PHE A 324 2.73 5.48 -13.13
C PHE A 324 3.87 6.39 -12.71
N GLY A 325 3.56 7.50 -12.05
CA GLY A 325 4.61 8.40 -11.62
C GLY A 325 4.98 9.44 -12.65
N ALA A 326 6.10 10.12 -12.40
CA ALA A 326 6.59 11.18 -13.28
C ALA A 326 7.07 10.70 -14.64
N ASP A 327 7.29 11.65 -15.54
CA ASP A 327 7.76 11.40 -16.89
C ASP A 327 6.84 10.48 -17.71
N VAL A 328 5.60 10.33 -17.25
CA VAL A 328 4.62 9.51 -17.95
C VAL A 328 3.51 10.44 -18.47
N TYR A 329 3.13 10.28 -19.74
CA TYR A 329 2.12 11.15 -20.33
C TYR A 329 0.96 10.39 -20.96
N GLU A 330 -0.03 11.14 -21.44
CA GLU A 330 -1.20 10.57 -22.07
C GLU A 330 -0.82 9.89 -23.39
N ALA A 331 -1.41 8.74 -23.65
CA ALA A 331 -1.14 7.98 -24.86
C ALA A 331 -1.84 8.58 -26.09
N GLU A 332 -1.43 8.14 -27.27
CA GLU A 332 -2.00 8.61 -28.52
C GLU A 332 -3.47 8.19 -28.62
N ASP A 333 -4.25 8.93 -29.41
CA ASP A 333 -5.66 8.64 -29.58
C ASP A 333 -5.91 7.17 -29.90
N SER A 334 -5.15 6.63 -30.86
CA SER A 334 -5.30 5.24 -31.26
C SER A 334 -5.39 4.27 -30.08
N CYS A 335 -4.58 4.50 -29.05
CA CYS A 335 -4.60 3.64 -27.88
C CYS A 335 -5.97 3.57 -27.23
N PHE A 336 -6.68 4.69 -27.21
CA PHE A 336 -7.99 4.76 -26.58
C PHE A 336 -9.09 3.98 -27.30
N GLU A 337 -8.80 3.48 -28.50
CA GLU A 337 -9.78 2.70 -29.25
C GLU A 337 -9.98 1.33 -28.61
N ARG A 338 -9.06 0.95 -27.72
CA ARG A 338 -9.15 -0.32 -27.02
C ARG A 338 -10.40 -0.38 -26.16
N ASN A 339 -10.93 0.78 -25.81
CA ASN A 339 -12.12 0.86 -24.98
C ASN A 339 -13.40 0.46 -25.72
N GLN A 340 -13.28 0.17 -27.01
CA GLN A 340 -14.44 -0.25 -27.79
C GLN A 340 -14.63 -1.76 -27.66
N LYS A 341 -13.56 -2.47 -27.31
CA LYS A 341 -13.58 -3.92 -27.16
C LYS A 341 -14.69 -4.37 -26.20
N GLY A 342 -14.86 -3.63 -25.11
CA GLY A 342 -15.87 -3.99 -24.15
C GLY A 342 -15.42 -5.21 -23.37
N ASN A 343 -14.11 -5.44 -23.31
CA ASN A 343 -13.58 -6.58 -22.58
C ASN A 343 -13.41 -6.26 -21.09
N TYR A 344 -12.52 -6.99 -20.42
CA TYR A 344 -12.32 -6.80 -19.00
C TYR A 344 -11.69 -5.48 -18.58
N TYR A 345 -11.08 -4.74 -19.50
CA TYR A 345 -10.46 -3.49 -19.14
C TYR A 345 -10.82 -2.30 -20.04
N GLY A 346 -11.13 -2.58 -21.29
CA GLY A 346 -11.48 -1.52 -22.22
C GLY A 346 -12.97 -1.34 -22.39
N TYR A 347 -13.59 -0.65 -21.45
CA TYR A 347 -15.03 -0.37 -21.50
C TYR A 347 -15.26 1.08 -21.10
N CYS A 348 -16.51 1.53 -21.15
CA CYS A 348 -16.83 2.91 -20.81
C CYS A 348 -17.56 3.07 -19.48
N ARG A 349 -18.39 2.09 -19.15
CA ARG A 349 -19.18 2.14 -17.93
C ARG A 349 -19.75 0.77 -17.64
N LYS A 350 -20.40 0.64 -16.49
CA LYS A 350 -21.00 -0.63 -16.11
C LYS A 350 -22.51 -0.57 -15.88
N GLU A 351 -23.23 -1.51 -16.47
CA GLU A 351 -24.68 -1.61 -16.36
C GLU A 351 -25.05 -2.83 -15.54
N ASN A 352 -25.53 -2.60 -14.32
CA ASN A 352 -25.93 -3.69 -13.43
C ASN A 352 -24.89 -4.78 -13.30
N GLY A 353 -23.65 -4.46 -13.67
CA GLY A 353 -22.58 -5.44 -13.57
C GLY A 353 -21.92 -5.79 -14.88
N ASN A 354 -22.55 -5.39 -15.99
CA ASN A 354 -22.00 -5.67 -17.31
C ASN A 354 -21.14 -4.49 -17.77
N LYS A 355 -20.00 -4.79 -18.39
CA LYS A 355 -19.12 -3.74 -18.88
C LYS A 355 -19.59 -3.32 -20.26
N ILE A 356 -19.88 -2.04 -20.41
CA ILE A 356 -20.34 -1.52 -21.69
C ILE A 356 -19.19 -0.93 -22.48
N PRO A 357 -19.06 -1.31 -23.76
CA PRO A 357 -17.99 -0.80 -24.60
C PRO A 357 -18.16 0.69 -24.90
N CYS A 358 -17.05 1.36 -25.17
CA CYS A 358 -17.10 2.78 -25.51
C CYS A 358 -17.47 2.95 -26.97
N ALA A 359 -18.39 3.86 -27.26
CA ALA A 359 -18.76 4.12 -28.64
C ALA A 359 -17.59 4.94 -29.16
N PRO A 360 -17.36 4.90 -30.49
CA PRO A 360 -16.25 5.66 -31.08
C PRO A 360 -16.07 7.07 -30.51
N GLU A 361 -17.18 7.74 -30.23
CA GLU A 361 -17.14 9.10 -29.69
C GLU A 361 -16.66 9.20 -28.24
N ASP A 362 -17.15 8.31 -27.38
CA ASP A 362 -16.80 8.34 -25.95
C ASP A 362 -15.50 7.62 -25.59
N VAL A 363 -14.74 7.23 -26.60
CA VAL A 363 -13.48 6.53 -26.42
C VAL A 363 -12.57 7.08 -25.31
N LYS A 364 -12.42 8.40 -25.28
CA LYS A 364 -11.57 9.05 -24.29
C LYS A 364 -12.11 9.08 -22.86
N CYS A 365 -13.29 8.49 -22.64
CA CYS A 365 -13.87 8.49 -21.30
C CYS A 365 -13.91 7.12 -20.64
N GLY A 366 -13.26 6.13 -21.25
CA GLY A 366 -13.25 4.80 -20.68
C GLY A 366 -11.97 4.57 -19.89
N ARG A 367 -11.26 3.50 -20.24
CA ARG A 367 -10.01 3.17 -19.57
C ARG A 367 -8.98 4.21 -19.99
N LEU A 368 -8.10 4.59 -19.07
CA LEU A 368 -7.06 5.57 -19.36
C LEU A 368 -5.80 4.88 -19.86
N TYR A 369 -5.21 5.42 -20.93
CA TYR A 369 -3.98 4.85 -21.48
C TYR A 369 -2.89 5.92 -21.43
N CYS A 370 -1.67 5.50 -21.12
CA CYS A 370 -0.56 6.44 -21.02
C CYS A 370 0.69 5.95 -21.75
N LYS A 371 1.52 6.88 -22.21
CA LYS A 371 2.74 6.54 -22.94
C LYS A 371 3.99 6.70 -22.07
N ASP A 372 4.87 5.70 -22.15
CA ASP A 372 6.12 5.72 -21.38
C ASP A 372 7.26 6.18 -22.29
N ASN A 373 7.84 7.33 -21.94
CA ASN A 373 8.93 7.90 -22.73
C ASN A 373 10.33 7.51 -22.24
N SER A 374 10.45 6.31 -21.68
CA SER A 374 11.75 5.84 -21.18
C SER A 374 12.46 5.06 -22.27
N PRO A 375 13.77 4.80 -22.08
CA PRO A 375 14.56 4.05 -23.07
C PRO A 375 14.13 2.60 -23.26
N GLY A 376 13.98 2.20 -24.53
CA GLY A 376 13.59 0.84 -24.87
C GLY A 376 12.26 0.33 -24.38
N GLN A 377 11.59 1.09 -23.52
CA GLN A 377 10.29 0.71 -22.94
C GLN A 377 9.42 -0.06 -23.94
N ASN A 378 9.06 0.60 -25.04
CA ASN A 378 8.27 -0.02 -26.10
C ASN A 378 6.74 -0.01 -25.97
N ASN A 379 6.20 -0.09 -24.76
CA ASN A 379 4.73 -0.09 -24.59
C ASN A 379 4.12 1.30 -24.73
N PRO A 380 3.38 1.54 -25.83
CA PRO A 380 2.75 2.83 -26.09
C PRO A 380 1.37 3.01 -25.45
N CYS A 381 0.73 1.89 -25.10
CA CYS A 381 -0.59 1.98 -24.49
C CYS A 381 -0.63 1.43 -23.06
N LYS A 382 0.25 1.93 -22.21
CA LYS A 382 0.26 1.46 -20.83
C LYS A 382 -1.08 1.78 -20.19
N MET A 383 -1.58 0.86 -19.38
CA MET A 383 -2.86 1.02 -18.72
C MET A 383 -2.83 0.28 -17.39
N PHE A 384 -3.80 0.56 -16.52
CA PHE A 384 -3.87 -0.10 -15.23
C PHE A 384 -5.21 -0.81 -14.99
N TYR A 385 -5.14 -2.08 -14.60
CA TYR A 385 -6.32 -2.87 -14.29
C TYR A 385 -6.06 -3.83 -13.15
N SER A 386 -7.02 -3.94 -12.23
CA SER A 386 -6.90 -4.83 -11.10
C SER A 386 -8.31 -5.24 -10.71
N ASN A 387 -8.61 -6.53 -10.82
CA ASN A 387 -9.94 -7.02 -10.48
C ASN A 387 -10.26 -6.75 -9.03
N GLU A 388 -9.32 -6.13 -8.33
CA GLU A 388 -9.50 -5.78 -6.91
C GLU A 388 -10.38 -4.53 -6.81
N ASP A 389 -10.29 -3.68 -7.84
CA ASP A 389 -11.06 -2.45 -7.94
C ASP A 389 -10.96 -1.95 -9.38
N GLU A 390 -11.85 -2.47 -10.23
CA GLU A 390 -11.87 -2.14 -11.64
C GLU A 390 -11.95 -0.67 -12.01
N HIS A 391 -12.51 0.15 -11.13
CA HIS A 391 -12.64 1.58 -11.41
C HIS A 391 -11.27 2.26 -11.44
N LYS A 392 -10.35 1.79 -10.61
CA LYS A 392 -9.01 2.36 -10.56
C LYS A 392 -8.40 2.24 -11.97
N GLY A 393 -7.91 3.35 -12.51
CA GLY A 393 -7.33 3.32 -13.84
C GLY A 393 -8.30 3.87 -14.88
N MET A 394 -9.57 3.98 -14.49
CA MET A 394 -10.59 4.52 -15.37
C MET A 394 -10.47 6.04 -15.36
N VAL A 395 -10.79 6.67 -16.48
CA VAL A 395 -10.73 8.13 -16.56
C VAL A 395 -11.67 8.72 -15.52
N LEU A 396 -11.17 9.71 -14.79
CA LEU A 396 -12.00 10.34 -13.77
C LEU A 396 -13.13 11.15 -14.41
N PRO A 397 -14.31 11.16 -13.78
CA PRO A 397 -15.41 11.92 -14.37
C PRO A 397 -15.07 13.41 -14.37
N GLY A 398 -15.53 14.12 -15.41
CA GLY A 398 -15.27 15.55 -15.51
C GLY A 398 -13.95 15.83 -16.20
N THR A 399 -13.26 14.78 -16.63
CA THR A 399 -11.99 14.96 -17.32
C THR A 399 -12.20 15.49 -18.72
N LYS A 400 -11.45 16.54 -19.07
CA LYS A 400 -11.58 17.14 -20.39
C LYS A 400 -11.18 16.11 -21.44
N CYS A 401 -12.17 15.55 -22.12
CA CYS A 401 -11.97 14.53 -23.15
C CYS A 401 -11.85 15.12 -24.54
N ALA A 402 -12.06 16.44 -24.64
CA ALA A 402 -11.98 17.13 -25.92
C ALA A 402 -12.24 18.60 -25.67
N ASP A 403 -11.81 19.42 -26.62
CA ASP A 403 -12.00 20.86 -26.51
C ASP A 403 -13.50 21.12 -26.34
N GLY A 404 -13.86 21.78 -25.25
CA GLY A 404 -15.26 22.10 -24.99
C GLY A 404 -16.09 20.93 -24.48
N LYS A 405 -15.45 19.78 -24.29
CA LYS A 405 -16.16 18.59 -23.83
C LYS A 405 -15.53 17.97 -22.59
N VAL A 406 -16.36 17.36 -21.76
CA VAL A 406 -15.91 16.74 -20.51
C VAL A 406 -16.53 15.34 -20.40
N CYS A 407 -15.95 14.49 -19.54
CA CYS A 407 -16.49 13.13 -19.38
C CYS A 407 -17.61 13.07 -18.37
N SER A 408 -18.69 12.37 -18.73
CA SER A 408 -19.84 12.21 -17.86
C SER A 408 -20.41 10.82 -18.03
N ASN A 409 -20.25 9.99 -17.00
CA ASN A 409 -20.74 8.61 -17.02
C ASN A 409 -20.29 7.88 -18.29
N GLY A 410 -19.01 7.98 -18.61
CA GLY A 410 -18.47 7.31 -19.78
C GLY A 410 -18.90 7.92 -21.11
N HIS A 411 -19.20 9.21 -21.09
CA HIS A 411 -19.63 9.91 -22.29
C HIS A 411 -18.90 11.23 -22.43
N CYS A 412 -18.28 11.47 -23.59
CA CYS A 412 -17.58 12.73 -23.81
C CYS A 412 -18.65 13.71 -24.29
N VAL A 413 -19.07 14.59 -23.39
CA VAL A 413 -20.13 15.55 -23.70
C VAL A 413 -19.72 17.01 -23.53
N ASP A 414 -20.51 17.91 -24.14
CA ASP A 414 -20.26 19.35 -24.06
C ASP A 414 -20.35 19.81 -22.61
N VAL A 415 -19.40 20.65 -22.21
CA VAL A 415 -19.38 21.16 -20.85
C VAL A 415 -20.66 21.93 -20.56
N ALA A 416 -21.03 22.80 -21.49
CA ALA A 416 -22.23 23.64 -21.38
C ALA A 416 -23.49 22.84 -21.05
N THR A 417 -23.52 21.57 -21.46
CA THR A 417 -24.69 20.74 -21.20
C THR A 417 -24.36 19.65 -20.18
N ALA A 418 -23.16 19.71 -19.62
CA ALA A 418 -22.69 18.73 -18.64
C ALA A 418 -23.20 19.01 -17.23
N TYR A 419 -23.22 20.29 -16.85
CA TYR A 419 -23.67 20.65 -15.51
C TYR A 419 -24.78 21.69 -15.57
N ASN B 5 19.40 -3.40 10.18
CA ASN B 5 20.02 -2.53 9.15
C ASN B 5 19.05 -2.25 8.00
N PRO B 6 18.95 -0.98 7.59
CA PRO B 6 18.07 -0.54 6.50
C PRO B 6 18.74 -0.44 5.12
N PHE B 7 20.03 -0.15 5.12
CA PHE B 7 20.83 0.01 3.91
C PHE B 7 20.75 -1.10 2.86
N ARG B 8 20.70 -0.68 1.59
CA ARG B 8 20.68 -1.58 0.45
C ARG B 8 22.03 -1.40 -0.22
N PHE B 9 22.47 -2.38 -1.00
CA PHE B 9 23.76 -2.27 -1.66
C PHE B 9 23.66 -2.56 -3.14
N VAL B 10 24.44 -1.83 -3.94
CA VAL B 10 24.46 -2.02 -5.38
C VAL B 10 25.88 -2.39 -5.78
N GLU B 11 26.06 -3.63 -6.22
CA GLU B 11 27.36 -4.11 -6.63
C GLU B 11 27.57 -3.74 -8.10
N LEU B 12 28.29 -2.64 -8.30
CA LEU B 12 28.56 -2.10 -9.63
C LEU B 12 29.77 -2.65 -10.36
N VAL B 13 29.67 -2.64 -11.68
CA VAL B 13 30.74 -3.07 -12.56
C VAL B 13 30.88 -1.94 -13.57
N LEU B 14 32.09 -1.42 -13.72
CA LEU B 14 32.34 -0.34 -14.66
C LEU B 14 33.08 -0.82 -15.89
N VAL B 15 32.58 -0.39 -17.05
CA VAL B 15 33.19 -0.76 -18.31
C VAL B 15 33.68 0.53 -18.95
N VAL B 16 34.97 0.57 -19.30
CA VAL B 16 35.58 1.73 -19.93
C VAL B 16 35.93 1.34 -21.35
N ASP B 17 35.31 2.00 -22.32
CA ASP B 17 35.53 1.68 -23.74
C ASP B 17 36.87 2.13 -24.30
N LYS B 18 37.11 1.71 -25.55
CA LYS B 18 38.34 2.01 -26.27
C LYS B 18 38.64 3.51 -26.35
N ALA B 19 37.60 4.31 -26.60
CA ALA B 19 37.76 5.76 -26.71
C ALA B 19 38.36 6.32 -25.43
N MET B 20 37.80 5.93 -24.29
CA MET B 20 38.30 6.40 -23.00
C MET B 20 39.78 6.08 -22.84
N VAL B 21 40.17 4.89 -23.27
CA VAL B 21 41.57 4.49 -23.16
C VAL B 21 42.43 5.40 -24.01
N THR B 22 41.97 5.69 -25.23
CA THR B 22 42.70 6.56 -26.13
C THR B 22 42.76 7.98 -25.56
N LYS B 23 41.66 8.42 -24.98
CA LYS B 23 41.57 9.75 -24.39
C LYS B 23 42.57 9.94 -23.26
N ASN B 24 43.01 8.83 -22.68
CA ASN B 24 43.97 8.86 -21.57
C ASN B 24 45.34 8.34 -21.99
N ASN B 25 45.56 8.23 -23.28
CA ASN B 25 46.85 7.79 -23.80
C ASN B 25 47.30 6.42 -23.29
N GLY B 26 46.39 5.46 -23.29
CA GLY B 26 46.72 4.11 -22.85
C GLY B 26 47.18 3.96 -21.41
N ASP B 27 47.06 5.03 -20.63
CA ASP B 27 47.48 5.02 -19.23
C ASP B 27 46.40 4.37 -18.35
N LEU B 28 46.43 3.04 -18.28
CA LEU B 28 45.46 2.27 -17.52
C LEU B 28 45.41 2.53 -16.01
N ASP B 29 46.57 2.78 -15.41
CA ASP B 29 46.59 3.05 -13.97
C ASP B 29 45.87 4.35 -13.67
N LYS B 30 46.11 5.36 -14.50
CA LYS B 30 45.46 6.65 -14.31
C LYS B 30 43.95 6.47 -14.36
N ILE B 31 43.48 5.72 -15.36
CA ILE B 31 42.07 5.46 -15.53
C ILE B 31 41.46 4.72 -14.35
N LYS B 32 42.14 3.66 -13.91
CA LYS B 32 41.65 2.85 -12.79
C LYS B 32 41.50 3.64 -11.51
N THR B 33 42.53 4.38 -11.12
CA THR B 33 42.48 5.16 -9.89
C THR B 33 41.38 6.21 -9.94
N ARG B 34 41.13 6.77 -11.12
CA ARG B 34 40.08 7.78 -11.25
C ARG B 34 38.72 7.14 -11.03
N MET B 35 38.48 5.99 -11.66
CA MET B 35 37.22 5.27 -11.51
C MET B 35 36.98 4.97 -10.04
N TYR B 36 38.05 4.76 -9.30
CA TYR B 36 37.95 4.48 -7.87
C TYR B 36 37.39 5.73 -7.18
N GLU B 37 37.88 6.89 -7.59
CA GLU B 37 37.43 8.16 -7.05
C GLU B 37 35.94 8.36 -7.32
N ILE B 38 35.58 8.31 -8.61
CA ILE B 38 34.21 8.49 -9.04
C ILE B 38 33.21 7.57 -8.34
N VAL B 39 33.47 6.27 -8.38
CA VAL B 39 32.58 5.29 -7.75
C VAL B 39 32.42 5.58 -6.27
N ASN B 40 33.50 5.99 -5.61
CA ASN B 40 33.44 6.29 -4.19
C ASN B 40 32.64 7.56 -3.91
N THR B 41 32.64 8.50 -4.85
CA THR B 41 31.88 9.74 -4.68
C THR B 41 30.41 9.42 -4.93
N VAL B 42 30.15 8.49 -5.83
CA VAL B 42 28.78 8.07 -6.13
C VAL B 42 28.21 7.45 -4.86
N ASN B 43 29.04 6.69 -4.16
CA ASN B 43 28.63 6.04 -2.92
C ASN B 43 28.25 7.09 -1.89
N GLU B 44 28.97 8.21 -1.89
CA GLU B 44 28.68 9.28 -0.95
C GLU B 44 27.33 9.90 -1.28
N ILE B 45 27.15 10.23 -2.56
CA ILE B 45 25.92 10.82 -3.04
C ILE B 45 24.70 9.99 -2.64
N TYR B 46 24.84 8.68 -2.66
CA TYR B 46 23.75 7.77 -2.33
C TYR B 46 23.56 7.47 -0.85
N ARG B 47 24.39 8.07 0.00
CA ARG B 47 24.29 7.84 1.44
C ARG B 47 22.93 8.29 1.97
N TYR B 48 22.54 9.51 1.58
CA TYR B 48 21.27 10.10 1.98
C TYR B 48 20.10 9.21 1.55
N MET B 49 20.34 8.41 0.53
CA MET B 49 19.33 7.50 -0.01
C MET B 49 19.35 6.14 0.68
N TYR B 50 20.19 6.00 1.69
CA TYR B 50 20.30 4.74 2.40
C TYR B 50 20.70 3.61 1.48
N ILE B 51 21.55 3.94 0.49
CA ILE B 51 22.06 2.96 -0.46
C ILE B 51 23.57 3.11 -0.50
N HIS B 52 24.26 1.99 -0.67
CA HIS B 52 25.71 2.01 -0.76
C HIS B 52 26.10 1.46 -2.12
N VAL B 53 27.02 2.14 -2.79
CA VAL B 53 27.49 1.69 -4.09
C VAL B 53 28.92 1.21 -3.97
N ALA B 54 29.14 -0.07 -4.26
CA ALA B 54 30.45 -0.67 -4.18
C ALA B 54 30.89 -1.19 -5.54
N LEU B 55 32.16 -1.00 -5.87
CA LEU B 55 32.70 -1.45 -7.14
C LEU B 55 33.25 -2.87 -7.00
N VAL B 56 32.68 -3.81 -7.75
CA VAL B 56 33.11 -5.20 -7.69
C VAL B 56 33.66 -5.69 -9.04
N GLY B 57 33.75 -4.79 -10.01
CA GLY B 57 34.25 -5.18 -11.31
C GLY B 57 34.56 -3.99 -12.19
N LEU B 58 35.72 -4.01 -12.85
CA LEU B 58 36.14 -2.93 -13.72
C LEU B 58 36.85 -3.46 -14.95
N GLU B 59 36.14 -3.49 -16.07
CA GLU B 59 36.68 -3.98 -17.33
C GLU B 59 37.05 -2.81 -18.23
N ILE B 60 38.20 -2.91 -18.91
CA ILE B 60 38.65 -1.84 -19.77
C ILE B 60 39.04 -2.33 -21.15
N TRP B 61 38.23 -1.96 -22.15
CA TRP B 61 38.47 -2.37 -23.53
C TRP B 61 39.66 -1.66 -24.16
N SER B 62 40.86 -1.96 -23.67
CA SER B 62 42.06 -1.33 -24.20
C SER B 62 42.44 -1.82 -25.60
N ASN B 63 41.96 -3.00 -25.97
CA ASN B 63 42.24 -3.52 -27.30
C ASN B 63 41.18 -3.10 -28.29
N GLU B 64 39.99 -3.70 -28.16
CA GLU B 64 38.88 -3.39 -29.04
C GLU B 64 37.59 -3.36 -28.23
N ASP B 65 36.60 -2.61 -28.69
CA ASP B 65 35.31 -2.55 -28.00
C ASP B 65 34.60 -3.88 -28.22
N LYS B 66 33.96 -4.39 -27.18
CA LYS B 66 33.24 -5.65 -27.29
C LYS B 66 31.83 -5.44 -27.86
N ILE B 67 31.48 -4.18 -28.08
CA ILE B 67 30.19 -3.83 -28.67
C ILE B 67 30.42 -2.64 -29.59
N THR B 68 29.42 -2.30 -30.39
CA THR B 68 29.53 -1.18 -31.30
C THR B 68 29.07 0.10 -30.60
N VAL B 69 30.02 0.87 -30.07
CA VAL B 69 29.69 2.11 -29.37
C VAL B 69 29.44 3.24 -30.37
N LYS B 70 28.20 3.69 -30.47
CA LYS B 70 27.85 4.76 -31.40
C LYS B 70 27.41 6.00 -30.63
N PRO B 71 27.56 7.18 -31.24
CA PRO B 71 27.14 8.40 -30.53
C PRO B 71 25.63 8.47 -30.29
N GLU B 72 24.90 7.45 -30.77
CA GLU B 72 23.46 7.38 -30.59
C GLU B 72 23.21 6.61 -29.29
N ALA B 73 23.01 7.33 -28.19
CA ALA B 73 22.80 6.72 -26.88
C ALA B 73 21.90 5.49 -26.88
N GLY B 74 20.69 5.64 -27.39
CA GLY B 74 19.75 4.54 -27.44
C GLY B 74 20.32 3.29 -28.08
N TYR B 75 21.04 3.46 -29.18
CA TYR B 75 21.63 2.31 -29.84
C TYR B 75 22.65 1.64 -28.90
N THR B 76 23.61 2.43 -28.44
CA THR B 76 24.65 1.94 -27.55
C THR B 76 24.10 1.32 -26.27
N LEU B 77 23.13 1.98 -25.65
CA LEU B 77 22.54 1.46 -24.41
C LEU B 77 22.00 0.05 -24.62
N ASN B 78 21.22 -0.14 -25.68
CA ASN B 78 20.65 -1.44 -25.99
C ASN B 78 21.73 -2.47 -26.32
N ALA B 79 22.72 -2.08 -27.13
CA ALA B 79 23.81 -2.98 -27.49
C ALA B 79 24.56 -3.37 -26.24
N PHE B 80 24.89 -2.37 -25.42
CA PHE B 80 25.60 -2.61 -24.18
C PHE B 80 24.80 -3.53 -23.27
N GLY B 81 23.48 -3.38 -23.34
CA GLY B 81 22.59 -4.21 -22.53
C GLY B 81 22.66 -5.66 -22.95
N GLU B 82 22.57 -5.91 -24.25
CA GLU B 82 22.62 -7.26 -24.78
C GLU B 82 23.92 -7.92 -24.35
N TRP B 83 25.02 -7.21 -24.57
CA TRP B 83 26.33 -7.71 -24.22
C TRP B 83 26.46 -8.04 -22.74
N ARG B 84 25.76 -7.27 -21.90
CA ARG B 84 25.83 -7.49 -20.46
C ARG B 84 25.21 -8.81 -20.03
N LYS B 85 24.12 -9.21 -20.67
CA LYS B 85 23.46 -10.45 -20.29
C LYS B 85 24.07 -11.67 -20.97
N THR B 86 24.42 -11.54 -22.24
CA THR B 86 25.00 -12.66 -22.98
C THR B 86 26.52 -12.69 -22.95
N ASP B 87 27.12 -12.11 -21.91
CA ASP B 87 28.58 -12.11 -21.81
C ASP B 87 29.10 -11.83 -20.41
N LEU B 88 29.13 -10.56 -20.01
CA LEU B 88 29.65 -10.18 -18.69
C LEU B 88 28.96 -10.95 -17.56
N LEU B 89 27.66 -10.73 -17.42
CA LEU B 89 26.85 -11.36 -16.39
C LEU B 89 27.09 -12.88 -16.36
N THR B 90 27.54 -13.41 -17.48
CA THR B 90 27.83 -14.84 -17.62
C THR B 90 29.08 -15.23 -16.84
N ARG B 91 30.11 -14.39 -16.91
CA ARG B 91 31.35 -14.68 -16.22
C ARG B 91 31.57 -13.86 -14.95
N LYS B 92 30.66 -12.93 -14.68
CA LYS B 92 30.79 -12.10 -13.50
C LYS B 92 29.45 -11.76 -12.87
N LYS B 93 29.32 -12.06 -11.58
CA LYS B 93 28.09 -11.79 -10.85
C LYS B 93 28.14 -10.36 -10.30
N HIS B 94 27.15 -9.55 -10.67
CA HIS B 94 27.07 -8.18 -10.20
C HIS B 94 25.63 -7.72 -10.31
N ASP B 95 25.31 -6.60 -9.69
CA ASP B 95 23.94 -6.09 -9.70
C ASP B 95 23.64 -5.10 -10.82
N ASN B 96 24.53 -4.14 -11.03
CA ASN B 96 24.33 -3.11 -12.04
C ASN B 96 25.60 -2.82 -12.82
N ALA B 97 25.45 -2.48 -14.10
CA ALA B 97 26.59 -2.19 -14.95
C ALA B 97 26.48 -0.86 -15.70
N GLN B 98 27.55 -0.06 -15.64
CA GLN B 98 27.60 1.24 -16.28
C GLN B 98 28.79 1.33 -17.24
N LEU B 99 28.54 1.82 -18.45
CA LEU B 99 29.57 1.97 -19.47
C LEU B 99 29.99 3.43 -19.59
N LEU B 100 31.28 3.68 -19.36
CA LEU B 100 31.82 5.03 -19.44
C LEU B 100 32.54 5.18 -20.78
N THR B 101 32.01 6.01 -21.66
CA THR B 101 32.61 6.22 -22.97
C THR B 101 33.07 7.66 -23.19
N ALA B 102 34.16 7.81 -23.94
CA ALA B 102 34.71 9.13 -24.22
C ALA B 102 34.10 9.73 -25.48
N ILE B 103 33.27 8.95 -26.16
CA ILE B 103 32.62 9.42 -27.38
C ILE B 103 31.60 10.52 -27.07
N ASP B 104 31.58 11.55 -27.91
CA ASP B 104 30.65 12.65 -27.71
C ASP B 104 29.28 12.19 -28.17
N LEU B 105 28.50 11.67 -27.23
CA LEU B 105 27.15 11.17 -27.53
C LEU B 105 26.29 12.24 -28.17
N ASP B 106 25.28 11.80 -28.91
CA ASP B 106 24.37 12.71 -29.58
C ASP B 106 23.24 13.14 -28.66
N ARG B 107 23.01 14.45 -28.61
CA ARG B 107 21.93 15.05 -27.82
C ARG B 107 22.00 14.92 -26.31
N VAL B 108 22.50 13.80 -25.80
CA VAL B 108 22.57 13.58 -24.36
C VAL B 108 23.99 13.30 -23.87
N ILE B 109 24.15 13.21 -22.55
CA ILE B 109 25.46 12.93 -21.95
C ILE B 109 25.43 11.60 -21.21
N GLY B 110 24.24 10.98 -21.19
CA GLY B 110 24.07 9.71 -20.53
C GLY B 110 22.71 9.15 -20.90
N LEU B 111 22.47 7.90 -20.53
CA LEU B 111 21.19 7.25 -20.82
C LEU B 111 21.10 5.94 -20.03
N ALA B 112 19.89 5.56 -19.64
CA ALA B 112 19.70 4.34 -18.89
C ALA B 112 18.23 3.95 -18.79
N TYR B 113 17.99 2.65 -18.65
CA TYR B 113 16.63 2.14 -18.49
C TYR B 113 16.08 2.65 -17.16
N VAL B 114 14.76 2.74 -17.04
CA VAL B 114 14.13 3.21 -15.81
C VAL B 114 13.57 2.06 -14.99
N GLY B 115 13.73 2.14 -13.66
CA GLY B 115 13.23 1.11 -12.78
C GLY B 115 13.54 -0.27 -13.32
N SER B 116 14.84 -0.56 -13.48
CA SER B 116 15.25 -1.86 -14.02
C SER B 116 16.40 -2.47 -13.24
N MET B 117 16.63 -1.98 -12.03
CA MET B 117 17.71 -2.49 -11.19
C MET B 117 17.60 -4.01 -11.04
N CYS B 118 18.72 -4.69 -11.18
CA CYS B 118 18.82 -6.14 -11.07
C CYS B 118 18.44 -6.90 -12.34
N HIS B 119 17.85 -6.21 -13.30
CA HIS B 119 17.47 -6.85 -14.55
C HIS B 119 18.74 -7.16 -15.35
N PRO B 120 18.85 -8.39 -15.86
CA PRO B 120 20.02 -8.81 -16.64
C PRO B 120 20.42 -7.87 -17.78
N LYS B 121 19.46 -7.48 -18.59
CA LYS B 121 19.74 -6.58 -19.71
C LYS B 121 19.56 -5.10 -19.38
N ARG B 122 18.55 -4.79 -18.58
CA ARG B 122 18.25 -3.40 -18.25
C ARG B 122 18.92 -2.77 -17.02
N SER B 123 19.58 -3.57 -16.19
CA SER B 123 20.24 -3.00 -15.03
C SER B 123 21.55 -2.40 -15.53
N THR B 124 21.42 -1.42 -16.43
CA THR B 124 22.57 -0.77 -17.03
C THR B 124 22.28 0.67 -17.45
N GLY B 125 23.33 1.36 -17.88
CA GLY B 125 23.21 2.73 -18.34
C GLY B 125 24.55 3.16 -18.93
N ILE B 126 24.55 4.22 -19.73
CA ILE B 126 25.80 4.68 -20.31
C ILE B 126 26.06 6.11 -19.85
N ILE B 127 27.33 6.43 -19.62
CA ILE B 127 27.74 7.76 -19.17
C ILE B 127 28.85 8.28 -20.08
N GLN B 128 28.81 9.58 -20.39
CA GLN B 128 29.86 10.17 -21.21
C GLN B 128 30.84 10.91 -20.31
N ASP B 129 32.13 10.67 -20.54
CA ASP B 129 33.18 11.33 -19.78
C ASP B 129 33.19 12.80 -20.23
N TYR B 130 32.16 13.51 -19.77
CA TYR B 130 31.89 14.91 -20.08
C TYR B 130 32.91 15.94 -19.58
N SER B 131 33.44 15.73 -18.38
CA SER B 131 34.39 16.69 -17.80
C SER B 131 35.59 16.08 -17.08
N GLU B 132 36.60 16.92 -16.86
CA GLU B 132 37.81 16.51 -16.15
C GLU B 132 37.47 16.42 -14.67
N ILE B 133 36.45 17.17 -14.27
CA ILE B 133 35.98 17.21 -12.89
C ILE B 133 35.29 15.91 -12.52
N ASN B 134 35.87 15.19 -11.57
CA ASN B 134 35.31 13.90 -11.14
C ASN B 134 33.89 13.97 -10.62
N LEU B 135 33.57 15.01 -9.86
CA LEU B 135 32.21 15.15 -9.32
C LEU B 135 31.18 15.23 -10.45
N VAL B 136 31.52 15.95 -11.53
CA VAL B 136 30.62 16.08 -12.66
C VAL B 136 30.26 14.71 -13.23
N VAL B 137 31.27 13.88 -13.45
CA VAL B 137 31.04 12.54 -14.00
C VAL B 137 30.36 11.64 -12.96
N ALA B 138 30.63 11.88 -11.69
CA ALA B 138 30.02 11.09 -10.62
C ALA B 138 28.52 11.33 -10.56
N VAL B 139 28.12 12.60 -10.67
CA VAL B 139 26.70 12.96 -10.64
C VAL B 139 25.96 12.30 -11.81
N ILE B 140 26.58 12.28 -12.99
CA ILE B 140 25.95 11.66 -14.16
C ILE B 140 25.72 10.18 -13.89
N MET B 141 26.76 9.51 -13.41
CA MET B 141 26.70 8.09 -13.10
C MET B 141 25.58 7.84 -12.08
N ALA B 142 25.59 8.61 -10.99
CA ALA B 142 24.56 8.47 -9.97
C ALA B 142 23.21 8.73 -10.61
N HIS B 143 23.17 9.73 -11.49
CA HIS B 143 21.95 10.09 -12.18
C HIS B 143 21.41 8.88 -12.94
N GLU B 144 22.27 8.29 -13.78
CA GLU B 144 21.87 7.12 -14.57
C GLU B 144 21.42 5.96 -13.69
N MET B 145 22.16 5.68 -12.62
CA MET B 145 21.77 4.61 -11.71
C MET B 145 20.42 4.97 -11.09
N GLY B 146 20.20 6.27 -10.91
CA GLY B 146 18.94 6.72 -10.35
C GLY B 146 17.80 6.24 -11.22
N HIS B 147 17.95 6.42 -12.53
CA HIS B 147 16.93 5.97 -13.46
C HIS B 147 16.74 4.47 -13.30
N ASN B 148 17.82 3.76 -13.02
CA ASN B 148 17.76 2.31 -12.82
C ASN B 148 16.94 1.95 -11.59
N LEU B 149 16.98 2.83 -10.59
CA LEU B 149 16.25 2.61 -9.34
C LEU B 149 14.83 3.18 -9.38
N GLY B 150 14.27 3.28 -10.58
CA GLY B 150 12.91 3.80 -10.72
C GLY B 150 12.74 5.28 -10.44
N ILE B 151 13.84 6.01 -10.32
CA ILE B 151 13.77 7.45 -10.05
C ILE B 151 13.67 8.24 -11.35
N ASN B 152 12.92 9.34 -11.32
CA ASN B 152 12.75 10.18 -12.49
C ASN B 152 13.35 11.56 -12.27
N HIS B 153 13.15 12.45 -13.24
CA HIS B 153 13.69 13.80 -13.14
C HIS B 153 12.92 14.70 -12.20
N ASP B 154 13.61 15.67 -11.62
CA ASP B 154 12.98 16.61 -10.70
C ASP B 154 12.15 17.63 -11.48
N SER B 155 11.00 17.97 -10.93
CA SER B 155 10.11 18.94 -11.54
C SER B 155 9.42 19.72 -10.44
N GLY B 156 8.84 20.85 -10.81
CA GLY B 156 8.14 21.65 -9.82
C GLY B 156 8.98 21.96 -8.59
N TYR B 157 8.36 21.85 -7.43
CA TYR B 157 9.04 22.17 -6.19
C TYR B 157 9.88 21.07 -5.54
N CYS B 158 10.42 20.16 -6.34
CA CYS B 158 11.28 19.12 -5.78
C CYS B 158 12.51 19.88 -5.27
N SER B 159 12.94 19.56 -4.06
CA SER B 159 14.07 20.27 -3.47
C SER B 159 15.08 19.38 -2.78
N CYS B 160 16.29 19.89 -2.65
CA CYS B 160 17.39 19.20 -1.99
C CYS B 160 18.23 20.35 -1.43
N GLY B 161 17.54 21.42 -1.06
CA GLY B 161 18.20 22.61 -0.55
C GLY B 161 18.42 23.52 -1.74
N ASP B 162 19.17 24.60 -1.56
CA ASP B 162 19.43 25.51 -2.67
C ASP B 162 20.58 25.00 -3.54
N TYR B 163 20.58 23.70 -3.83
CA TYR B 163 21.64 23.09 -4.64
C TYR B 163 21.08 22.42 -5.89
N ALA B 164 21.90 22.32 -6.92
CA ALA B 164 21.48 21.66 -8.15
C ALA B 164 21.41 20.18 -7.80
N CYS B 165 20.19 19.66 -7.69
CA CYS B 165 19.99 18.26 -7.32
C CYS B 165 20.39 17.27 -8.40
N ILE B 166 20.72 16.06 -7.96
CA ILE B 166 21.15 14.99 -8.85
C ILE B 166 20.20 14.70 -10.01
N MET B 167 18.93 14.47 -9.71
CA MET B 167 17.98 14.15 -10.77
C MET B 167 17.37 15.30 -11.58
N ARG B 168 18.06 16.43 -11.66
CA ARG B 168 17.56 17.53 -12.47
C ARG B 168 17.67 17.02 -13.91
N PRO B 169 16.74 17.42 -14.79
CA PRO B 169 16.75 16.98 -16.18
C PRO B 169 18.08 17.17 -16.92
N GLU B 170 18.93 18.07 -16.43
CA GLU B 170 20.23 18.28 -17.06
C GLU B 170 21.31 18.69 -16.06
N ILE B 171 22.50 18.14 -16.25
CA ILE B 171 23.63 18.42 -15.37
C ILE B 171 23.98 19.91 -15.29
N SER B 172 24.12 20.42 -14.07
CA SER B 172 24.45 21.83 -13.89
C SER B 172 25.96 22.03 -13.87
N PRO B 173 26.42 23.28 -14.06
CA PRO B 173 27.84 23.57 -14.05
C PRO B 173 28.33 23.70 -12.62
N GLU B 174 27.38 23.69 -11.69
CA GLU B 174 27.66 23.82 -10.26
C GLU B 174 27.02 22.63 -9.55
N PRO B 175 27.41 21.41 -9.94
CA PRO B 175 26.91 20.14 -9.38
C PRO B 175 26.98 19.98 -7.87
N SER B 176 25.97 19.31 -7.32
CA SER B 176 25.93 19.05 -5.88
C SER B 176 25.74 17.55 -5.71
N THR B 177 26.07 17.05 -4.53
CA THR B 177 25.96 15.63 -4.23
C THR B 177 24.60 15.23 -3.66
N PHE B 178 23.66 16.17 -3.61
CA PHE B 178 22.35 15.90 -3.04
C PHE B 178 21.22 15.46 -3.96
N PHE B 179 20.45 14.48 -3.48
CA PHE B 179 19.29 13.94 -4.17
C PHE B 179 18.09 14.70 -3.61
N SER B 180 17.13 15.04 -4.46
CA SER B 180 15.95 15.78 -3.99
C SER B 180 15.10 14.89 -3.10
N ASN B 181 14.12 15.49 -2.42
CA ASN B 181 13.22 14.72 -1.57
C ASN B 181 12.36 13.83 -2.46
N CYS B 182 12.06 14.32 -3.67
CA CYS B 182 11.27 13.57 -4.64
C CYS B 182 11.99 12.28 -5.00
N SER B 183 13.25 12.42 -5.44
CA SER B 183 14.07 11.28 -5.83
C SER B 183 14.04 10.19 -4.76
N TYR B 184 14.20 10.60 -3.51
CA TYR B 184 14.21 9.68 -2.38
C TYR B 184 12.94 8.82 -2.34
N PHE B 185 11.80 9.47 -2.22
CA PHE B 185 10.51 8.79 -2.15
C PHE B 185 10.26 7.85 -3.34
N GLU B 186 10.54 8.32 -4.55
CA GLU B 186 10.35 7.49 -5.73
C GLU B 186 11.30 6.30 -5.68
N CYS B 187 12.52 6.55 -5.23
CA CYS B 187 13.53 5.50 -5.13
C CYS B 187 13.01 4.36 -4.27
N TRP B 188 12.47 4.70 -3.10
CA TRP B 188 11.95 3.68 -2.20
C TRP B 188 10.59 3.16 -2.64
N ASP B 189 9.85 3.96 -3.40
CA ASP B 189 8.57 3.50 -3.89
C ASP B 189 8.86 2.36 -4.84
N PHE B 190 9.99 2.44 -5.51
CA PHE B 190 10.41 1.40 -6.45
C PHE B 190 10.86 0.17 -5.68
N ILE B 191 11.71 0.38 -4.68
CA ILE B 191 12.24 -0.72 -3.87
C ILE B 191 11.15 -1.49 -3.14
N MET B 192 10.19 -0.79 -2.55
CA MET B 192 9.10 -1.44 -1.82
C MET B 192 8.12 -2.16 -2.74
N ASN B 193 7.57 -1.47 -3.73
CA ASN B 193 6.61 -2.09 -4.66
C ASN B 193 7.29 -3.20 -5.45
N HIS B 194 8.16 -2.82 -6.37
CA HIS B 194 8.89 -3.82 -7.15
C HIS B 194 9.89 -4.38 -6.13
N ASN B 195 10.71 -5.34 -6.53
CA ASN B 195 11.65 -5.87 -5.56
C ASN B 195 13.05 -6.09 -6.11
N PRO B 196 13.95 -5.11 -5.88
CA PRO B 196 15.32 -5.21 -6.36
C PRO B 196 16.09 -6.25 -5.53
N GLU B 197 15.50 -7.44 -5.44
CA GLU B 197 16.04 -8.56 -4.69
C GLU B 197 17.58 -8.59 -4.62
N CYS B 198 18.22 -8.45 -5.76
CA CYS B 198 19.68 -8.50 -5.85
C CYS B 198 20.47 -7.41 -5.16
N ILE B 199 19.81 -6.40 -4.61
CA ILE B 199 20.54 -5.32 -3.94
C ILE B 199 20.46 -5.38 -2.42
N LEU B 200 20.06 -6.53 -1.88
CA LEU B 200 19.95 -6.70 -0.44
C LEU B 200 21.27 -7.06 0.24
N ASN B 201 22.01 -8.00 -0.35
CA ASN B 201 23.27 -8.46 0.23
C ASN B 201 24.38 -7.42 0.37
N GLU B 202 25.03 -7.44 1.53
CA GLU B 202 26.14 -6.54 1.81
C GLU B 202 27.36 -7.18 1.16
N PRO B 203 28.00 -6.48 0.21
CA PRO B 203 29.17 -7.03 -0.48
C PRO B 203 30.32 -7.46 0.43
N LEU B 204 30.87 -8.64 0.14
CA LEU B 204 32.00 -9.17 0.90
C LEU B 204 33.19 -8.26 0.65
N GLY B 205 33.97 -8.01 1.69
CA GLY B 205 35.15 -7.16 1.56
C GLY B 205 35.99 -7.56 0.37
N THR B 206 36.08 -8.86 0.12
CA THR B 206 36.88 -9.38 -0.98
C THR B 206 36.26 -9.15 -2.37
N ASP B 207 34.96 -8.86 -2.43
CA ASP B 207 34.30 -8.62 -3.70
C ASP B 207 34.64 -7.25 -4.25
N ILE B 208 34.85 -6.29 -3.34
CA ILE B 208 35.17 -4.93 -3.71
C ILE B 208 36.56 -4.87 -4.32
N ILE B 209 36.62 -4.48 -5.60
CA ILE B 209 37.90 -4.42 -6.33
C ILE B 209 38.67 -3.14 -6.12
N SER B 210 38.01 -2.12 -5.58
CA SER B 210 38.66 -0.85 -5.35
C SER B 210 39.47 -0.87 -4.06
N PRO B 211 40.58 -0.12 -4.02
CA PRO B 211 41.42 -0.08 -2.81
C PRO B 211 40.57 0.38 -1.63
N PRO B 212 40.68 -0.31 -0.50
CA PRO B 212 39.88 0.07 0.67
C PRO B 212 39.97 1.55 1.04
N VAL B 213 38.83 2.13 1.39
CA VAL B 213 38.76 3.53 1.78
C VAL B 213 38.12 3.63 3.15
N CYS B 214 38.90 4.08 4.12
CA CYS B 214 38.40 4.22 5.48
C CYS B 214 37.51 5.45 5.61
N GLY B 215 36.24 5.21 5.96
CA GLY B 215 35.29 6.29 6.13
C GLY B 215 34.24 6.32 5.03
N ASN B 216 34.23 5.31 4.17
CA ASN B 216 33.28 5.25 3.07
C ASN B 216 32.06 4.42 3.45
N GLU B 217 32.00 4.02 4.71
CA GLU B 217 30.89 3.22 5.24
C GLU B 217 30.74 1.86 4.58
N LEU B 218 31.87 1.27 4.24
CA LEU B 218 31.92 -0.05 3.63
C LEU B 218 33.03 -0.81 4.33
N LEU B 219 32.69 -1.91 4.99
CA LEU B 219 33.70 -2.70 5.68
C LEU B 219 34.53 -3.45 4.67
N GLU B 220 35.77 -2.99 4.50
CA GLU B 220 36.67 -3.59 3.54
C GLU B 220 37.82 -4.31 4.24
N VAL B 221 38.54 -5.14 3.47
CA VAL B 221 39.66 -5.88 4.03
C VAL B 221 40.69 -4.97 4.68
N GLY B 222 41.12 -5.35 5.88
CA GLY B 222 42.10 -4.57 6.61
C GLY B 222 41.45 -3.57 7.54
N GLU B 223 40.12 -3.46 7.48
CA GLU B 223 39.39 -2.52 8.33
C GLU B 223 38.61 -3.26 9.39
N GLU B 224 38.77 -2.85 10.65
CA GLU B 224 38.05 -3.47 11.75
C GLU B 224 36.62 -2.98 11.73
N CYS B 225 36.44 -1.74 11.31
CA CYS B 225 35.13 -1.12 11.22
C CYS B 225 35.22 0.12 10.34
N ASP B 226 34.07 0.58 9.86
CA ASP B 226 34.02 1.75 9.00
C ASP B 226 32.68 2.43 9.27
N CYS B 227 32.71 3.55 10.00
CA CYS B 227 31.48 4.28 10.31
C CYS B 227 31.50 5.65 9.63
N GLY B 228 32.01 5.69 8.41
CA GLY B 228 32.08 6.95 7.67
C GLY B 228 33.12 7.87 8.29
N THR B 229 33.00 9.16 8.00
CA THR B 229 33.93 10.16 8.53
C THR B 229 33.60 10.40 9.99
N PRO B 230 34.56 10.94 10.77
CA PRO B 230 34.28 11.19 12.18
C PRO B 230 33.07 12.09 12.42
N GLU B 231 32.68 12.85 11.40
CA GLU B 231 31.53 13.74 11.51
C GLU B 231 30.22 12.98 11.36
N ASN B 232 30.18 12.04 10.43
CA ASN B 232 28.97 11.26 10.19
C ASN B 232 28.89 10.00 11.05
N CYS B 233 30.01 9.57 11.61
CA CYS B 233 30.06 8.36 12.42
C CYS B 233 29.02 8.34 13.54
N GLN B 234 28.19 7.30 13.53
CA GLN B 234 27.14 7.13 14.53
C GLN B 234 27.44 5.87 15.33
N ASN B 235 28.61 5.27 15.07
CA ASN B 235 29.02 4.06 15.77
C ASN B 235 29.98 4.42 16.90
N GLU B 236 29.66 3.94 18.10
CA GLU B 236 30.48 4.24 19.26
C GLU B 236 31.56 3.19 19.56
N CYS B 237 31.72 2.24 18.64
CA CYS B 237 32.72 1.20 18.82
C CYS B 237 33.90 1.42 17.89
N CYS B 238 33.72 2.31 16.94
CA CYS B 238 34.74 2.59 15.94
C CYS B 238 35.44 3.93 16.12
N ASP B 239 36.62 4.03 15.52
CA ASP B 239 37.40 5.25 15.53
C ASP B 239 37.33 5.71 14.08
N ALA B 240 36.24 6.40 13.74
CA ALA B 240 36.00 6.88 12.38
C ALA B 240 37.25 7.28 11.60
N ALA B 241 38.26 7.78 12.30
CA ALA B 241 39.50 8.22 11.65
C ALA B 241 40.43 7.11 11.18
N THR B 242 40.61 6.07 11.99
CA THR B 242 41.51 4.98 11.64
C THR B 242 40.87 3.65 11.22
N CYS B 243 39.56 3.54 11.40
CA CYS B 243 38.86 2.29 11.06
C CYS B 243 39.28 1.12 11.91
N LYS B 244 39.60 1.41 13.18
CA LYS B 244 40.00 0.39 14.14
C LYS B 244 39.03 0.46 15.32
N LEU B 245 38.54 -0.69 15.75
CA LEU B 245 37.63 -0.71 16.90
C LEU B 245 38.37 -0.08 18.07
N LYS B 246 37.70 0.77 18.83
CA LYS B 246 38.39 1.39 19.96
C LYS B 246 38.63 0.35 21.05
N SER B 247 39.66 0.59 21.85
CA SER B 247 40.03 -0.32 22.92
C SER B 247 38.86 -0.72 23.80
N GLY B 248 38.75 -2.02 24.05
CA GLY B 248 37.68 -2.52 24.90
C GLY B 248 36.54 -3.15 24.13
N SER B 249 36.29 -2.67 22.93
CA SER B 249 35.20 -3.21 22.11
C SER B 249 35.61 -4.50 21.40
N GLN B 250 34.64 -5.40 21.23
CA GLN B 250 34.88 -6.68 20.57
C GLN B 250 34.43 -6.65 19.12
N CYS B 251 33.47 -5.78 18.81
CA CYS B 251 32.95 -5.68 17.45
C CYS B 251 32.35 -4.29 17.22
N GLY B 252 31.99 -4.02 15.97
CA GLY B 252 31.41 -2.74 15.62
C GLY B 252 30.34 -2.88 14.56
N HIS B 253 30.02 -4.13 14.24
CA HIS B 253 29.01 -4.45 13.23
C HIS B 253 28.57 -5.90 13.41
N GLY B 254 27.47 -6.26 12.75
CA GLY B 254 26.97 -7.63 12.84
C GLY B 254 25.72 -7.78 13.67
N ASP B 255 24.81 -8.64 13.20
CA ASP B 255 23.57 -8.88 13.91
C ASP B 255 23.83 -9.50 15.28
N CYS B 256 25.10 -9.80 15.57
CA CYS B 256 25.46 -10.37 16.85
C CYS B 256 26.40 -9.47 17.64
N CYS B 257 26.38 -8.17 17.31
CA CYS B 257 27.19 -7.20 18.00
C CYS B 257 26.29 -6.23 18.75
N GLU B 258 26.21 -6.41 20.06
CA GLU B 258 25.36 -5.56 20.88
C GLU B 258 26.18 -4.70 21.85
N GLN B 259 26.19 -3.39 21.60
CA GLN B 259 26.92 -2.44 22.43
C GLN B 259 28.43 -2.67 22.39
N CYS B 260 28.95 -2.92 21.19
CA CYS B 260 30.38 -3.15 20.98
C CYS B 260 30.84 -4.50 21.53
N LYS B 261 29.89 -5.30 22.02
CA LYS B 261 30.24 -6.61 22.57
C LYS B 261 29.52 -7.75 21.85
N PHE B 262 30.12 -8.94 21.90
CA PHE B 262 29.51 -10.13 21.29
C PHE B 262 28.20 -10.40 22.01
N SER B 263 27.16 -10.74 21.26
CA SER B 263 25.86 -11.02 21.87
C SER B 263 25.93 -12.27 22.73
N LYS B 264 25.15 -12.27 23.81
CA LYS B 264 25.11 -13.40 24.72
C LYS B 264 24.89 -14.67 23.90
N SER B 265 25.67 -15.71 24.19
CA SER B 265 25.53 -16.97 23.49
C SER B 265 24.06 -17.38 23.49
N GLY B 266 23.62 -18.02 22.41
CA GLY B 266 22.24 -18.45 22.34
C GLY B 266 21.23 -17.35 22.10
N THR B 267 21.68 -16.16 21.72
CA THR B 267 20.75 -15.07 21.45
C THR B 267 20.38 -15.05 19.97
N GLU B 268 19.12 -15.37 19.70
CA GLU B 268 18.59 -15.41 18.34
C GLU B 268 19.03 -14.19 17.53
N CYS B 269 19.60 -14.43 16.35
CA CYS B 269 20.06 -13.34 15.49
C CYS B 269 19.40 -13.34 14.11
N ARG B 270 18.51 -14.30 13.88
CA ARG B 270 17.77 -14.37 12.63
C ARG B 270 16.46 -15.10 12.90
N ALA B 271 15.38 -14.31 12.99
CA ALA B 271 14.05 -14.83 13.26
C ALA B 271 13.59 -15.94 12.33
N SER B 272 12.78 -16.84 12.88
CA SER B 272 12.25 -17.98 12.14
C SER B 272 10.97 -17.62 11.39
N MET B 273 10.95 -17.90 10.09
CA MET B 273 9.79 -17.62 9.24
C MET B 273 8.66 -18.57 9.61
N SER B 274 8.92 -19.87 9.45
CA SER B 274 7.97 -20.92 9.76
C SER B 274 8.73 -22.13 10.31
N GLU B 275 8.04 -23.23 10.57
CA GLU B 275 8.68 -24.43 11.08
C GLU B 275 9.76 -24.94 10.14
N CYS B 276 9.68 -24.54 8.87
CA CYS B 276 10.65 -24.95 7.86
C CYS B 276 11.93 -24.13 7.92
N ASP B 277 11.95 -23.14 8.80
CA ASP B 277 13.12 -22.27 8.93
C ASP B 277 13.61 -22.20 10.37
N PRO B 278 14.56 -23.08 10.75
CA PRO B 278 15.06 -23.03 12.12
C PRO B 278 15.85 -21.76 12.31
N ALA B 279 15.61 -21.06 13.41
CA ALA B 279 16.31 -19.80 13.67
C ALA B 279 17.77 -20.02 14.03
N GLU B 280 18.60 -19.02 13.77
CA GLU B 280 20.02 -19.08 14.10
C GLU B 280 20.23 -18.26 15.36
N HIS B 281 21.26 -18.60 16.12
CA HIS B 281 21.54 -17.88 17.37
C HIS B 281 23.02 -17.54 17.45
N CYS B 282 23.33 -16.42 18.08
CA CYS B 282 24.72 -16.01 18.21
C CYS B 282 25.50 -17.04 19.03
N THR B 283 26.73 -17.29 18.63
CA THR B 283 27.58 -18.25 19.32
C THR B 283 28.03 -17.73 20.67
N GLY B 284 28.01 -16.41 20.83
CA GLY B 284 28.42 -15.80 22.09
C GLY B 284 29.89 -15.44 22.02
N GLN B 285 30.54 -15.87 20.96
CA GLN B 285 31.95 -15.58 20.75
C GLN B 285 32.21 -15.04 19.34
N SER B 286 31.15 -14.56 18.70
CA SER B 286 31.26 -14.01 17.35
C SER B 286 30.26 -12.88 17.15
N SER B 287 30.63 -11.91 16.31
CA SER B 287 29.75 -10.78 16.05
C SER B 287 28.88 -11.03 14.83
N GLU B 288 29.12 -12.15 14.15
CA GLU B 288 28.35 -12.48 12.96
C GLU B 288 27.36 -13.63 13.16
N CYS B 289 26.15 -13.42 12.67
CA CYS B 289 25.08 -14.40 12.76
C CYS B 289 25.43 -15.56 11.82
N PRO B 290 25.40 -16.80 12.33
CA PRO B 290 25.72 -17.96 11.49
C PRO B 290 24.81 -18.10 10.28
N ALA B 291 25.33 -18.71 9.22
CA ALA B 291 24.59 -18.91 7.97
C ALA B 291 23.14 -19.31 8.19
N ASP B 292 22.27 -18.95 7.24
CA ASP B 292 20.86 -19.28 7.36
C ASP B 292 20.56 -20.71 6.92
N VAL B 293 20.01 -21.48 7.84
CA VAL B 293 19.65 -22.87 7.60
C VAL B 293 18.15 -23.02 7.43
N PHE B 294 17.76 -23.82 6.44
CA PHE B 294 16.36 -24.12 6.17
C PHE B 294 16.29 -25.62 6.33
N HIS B 295 15.12 -26.15 6.61
CA HIS B 295 15.00 -27.60 6.70
C HIS B 295 14.93 -28.04 5.23
N LYS B 296 14.96 -29.34 4.98
CA LYS B 296 14.93 -29.82 3.61
C LYS B 296 13.62 -29.58 2.87
N ASN B 297 13.72 -29.28 1.58
CA ASN B 297 12.53 -29.07 0.76
C ASN B 297 11.82 -30.41 0.63
N GLY B 298 10.50 -30.39 0.76
CA GLY B 298 9.73 -31.62 0.68
C GLY B 298 9.37 -32.09 2.06
N GLN B 299 10.10 -31.58 3.06
CA GLN B 299 9.86 -31.90 4.45
C GLN B 299 8.42 -31.54 4.82
N PRO B 300 7.55 -32.55 4.99
CA PRO B 300 6.15 -32.28 5.34
C PRO B 300 6.04 -31.33 6.53
N CYS B 301 5.18 -30.33 6.39
CA CYS B 301 4.99 -29.33 7.43
C CYS B 301 3.52 -28.98 7.68
N LEU B 302 3.29 -27.99 8.55
CA LEU B 302 1.94 -27.55 8.91
C LEU B 302 0.96 -28.69 9.14
N ASP B 303 1.35 -29.61 10.02
CA ASP B 303 0.51 -30.76 10.35
C ASP B 303 0.04 -31.52 9.11
N ASN B 304 0.95 -31.72 8.16
CA ASN B 304 0.67 -32.44 6.93
C ASN B 304 -0.26 -31.77 5.92
N TYR B 305 -0.25 -30.44 5.90
CA TYR B 305 -1.08 -29.71 4.95
C TYR B 305 -0.19 -29.14 3.84
N GLY B 306 1.12 -29.22 4.04
CA GLY B 306 2.04 -28.72 3.05
C GLY B 306 3.44 -29.31 3.17
N TYR B 307 4.30 -28.98 2.20
CA TYR B 307 5.68 -29.46 2.23
C TYR B 307 6.60 -28.26 2.17
N CYS B 308 7.64 -28.28 2.99
CA CYS B 308 8.60 -27.19 3.04
C CYS B 308 9.16 -26.78 1.69
N TYR B 309 9.43 -25.49 1.55
CA TYR B 309 10.01 -24.93 0.34
C TYR B 309 10.76 -23.68 0.74
N ASN B 310 12.07 -23.69 0.52
CA ASN B 310 12.94 -22.58 0.85
C ASN B 310 12.63 -21.86 2.17
N GLY B 311 12.40 -22.65 3.23
CA GLY B 311 12.15 -22.07 4.53
C GLY B 311 10.71 -21.73 4.89
N ASN B 312 9.75 -22.15 4.06
CA ASN B 312 8.35 -21.88 4.36
C ASN B 312 7.46 -23.07 4.03
N CYS B 313 6.23 -23.02 4.51
CA CYS B 313 5.28 -24.08 4.26
C CYS B 313 4.10 -23.49 3.49
N PRO B 314 4.27 -23.27 2.18
CA PRO B 314 3.24 -22.70 1.32
C PRO B 314 2.00 -23.58 1.13
N ILE B 315 0.87 -23.12 1.62
CA ILE B 315 -0.36 -23.88 1.47
C ILE B 315 -1.51 -23.02 0.95
N MET B 316 -2.34 -23.64 0.12
CA MET B 316 -3.50 -23.01 -0.49
C MET B 316 -4.26 -22.09 0.46
N TYR B 317 -4.56 -22.58 1.65
CA TYR B 317 -5.30 -21.80 2.65
C TYR B 317 -4.64 -20.49 3.07
N HIS B 318 -3.38 -20.51 3.45
CA HIS B 318 -2.69 -19.29 3.87
C HIS B 318 -2.58 -18.29 2.72
N GLN B 319 -2.39 -18.79 1.50
CA GLN B 319 -2.25 -17.93 0.35
C GLN B 319 -3.55 -17.19 0.07
N CYS B 320 -4.69 -17.83 0.35
CA CYS B 320 -5.98 -17.20 0.15
C CYS B 320 -6.13 -16.12 1.24
N TYR B 321 -5.65 -16.44 2.44
CA TYR B 321 -5.72 -15.50 3.55
C TYR B 321 -4.92 -14.24 3.25
N ASP B 322 -3.67 -14.39 2.80
CA ASP B 322 -2.86 -13.23 2.49
C ASP B 322 -3.60 -12.32 1.51
N LEU B 323 -4.25 -12.93 0.53
CA LEU B 323 -4.98 -12.18 -0.49
C LEU B 323 -6.28 -11.51 -0.04
N PHE B 324 -7.25 -12.30 0.43
CA PHE B 324 -8.53 -11.73 0.82
C PHE B 324 -8.84 -11.71 2.31
N GLY B 325 -7.82 -11.79 3.16
CA GLY B 325 -8.04 -11.76 4.59
C GLY B 325 -8.47 -13.08 5.20
N ALA B 326 -9.43 -13.02 6.13
CA ALA B 326 -9.91 -14.22 6.79
C ALA B 326 -11.27 -14.71 6.30
N ASP B 327 -11.62 -15.93 6.71
CA ASP B 327 -12.90 -16.55 6.33
C ASP B 327 -12.98 -16.86 4.84
N VAL B 328 -11.84 -16.86 4.16
CA VAL B 328 -11.79 -17.17 2.74
C VAL B 328 -10.93 -18.43 2.55
N TYR B 329 -11.58 -19.53 2.19
CA TYR B 329 -10.86 -20.80 2.02
C TYR B 329 -10.63 -21.18 0.57
N GLU B 330 -9.89 -22.28 0.37
CA GLU B 330 -9.59 -22.76 -0.98
C GLU B 330 -10.90 -23.04 -1.70
N ALA B 331 -10.97 -22.64 -2.97
CA ALA B 331 -12.16 -22.86 -3.75
C ALA B 331 -12.19 -24.31 -4.24
N GLU B 332 -13.37 -24.80 -4.59
CA GLU B 332 -13.53 -26.16 -5.07
C GLU B 332 -12.71 -26.44 -6.33
N ASP B 333 -12.47 -27.72 -6.60
CA ASP B 333 -11.69 -28.17 -7.74
C ASP B 333 -12.15 -27.63 -9.09
N SER B 334 -13.46 -27.47 -9.27
CA SER B 334 -13.98 -26.98 -10.54
C SER B 334 -13.49 -25.58 -10.90
N CYS B 335 -13.29 -24.74 -9.90
CA CYS B 335 -12.83 -23.38 -10.15
C CYS B 335 -11.50 -23.38 -10.87
N PHE B 336 -10.57 -24.18 -10.38
CA PHE B 336 -9.24 -24.27 -10.97
C PHE B 336 -9.21 -24.59 -12.45
N GLU B 337 -10.27 -25.20 -12.97
CA GLU B 337 -10.34 -25.55 -14.38
C GLU B 337 -10.13 -24.31 -15.24
N ARG B 338 -10.54 -23.15 -14.72
CA ARG B 338 -10.37 -21.89 -15.43
C ARG B 338 -8.95 -21.75 -15.95
N ASN B 339 -7.99 -22.20 -15.13
CA ASN B 339 -6.58 -22.11 -15.47
C ASN B 339 -6.19 -22.78 -16.79
N GLN B 340 -7.15 -23.43 -17.46
CA GLN B 340 -6.87 -24.09 -18.73
C GLN B 340 -7.14 -23.18 -19.92
N LYS B 341 -7.84 -22.07 -19.66
CA LYS B 341 -8.18 -21.10 -20.71
C LYS B 341 -6.93 -20.51 -21.34
N GLY B 342 -5.90 -20.29 -20.54
CA GLY B 342 -4.69 -19.70 -21.07
C GLY B 342 -4.98 -18.26 -21.45
N ASN B 343 -5.92 -17.64 -20.72
CA ASN B 343 -6.28 -16.26 -20.99
C ASN B 343 -5.41 -15.35 -20.14
N TYR B 344 -5.89 -14.14 -19.87
CA TYR B 344 -5.11 -13.18 -19.11
C TYR B 344 -4.90 -13.53 -17.64
N TYR B 345 -5.87 -14.20 -17.03
CA TYR B 345 -5.74 -14.55 -15.61
C TYR B 345 -5.48 -16.03 -15.32
N GLY B 346 -6.12 -16.91 -16.10
CA GLY B 346 -5.96 -18.35 -15.91
C GLY B 346 -4.90 -18.98 -16.79
N TYR B 347 -3.83 -19.46 -16.16
CA TYR B 347 -2.74 -20.10 -16.88
C TYR B 347 -1.78 -20.72 -15.87
N CYS B 348 -0.76 -21.42 -16.37
CA CYS B 348 0.19 -22.07 -15.48
C CYS B 348 1.57 -21.42 -15.35
N ARG B 349 2.08 -20.85 -16.43
CA ARG B 349 3.40 -20.24 -16.37
C ARG B 349 3.66 -19.33 -17.56
N LYS B 350 4.84 -18.72 -17.57
CA LYS B 350 5.25 -17.82 -18.63
C LYS B 350 6.39 -18.43 -19.44
N GLU B 351 6.42 -18.12 -20.72
CA GLU B 351 7.47 -18.60 -21.63
C GLU B 351 7.63 -17.59 -22.75
N ASN B 352 8.72 -16.84 -22.71
CA ASN B 352 9.01 -15.80 -23.70
C ASN B 352 7.99 -14.68 -23.52
N GLY B 353 7.38 -14.64 -22.33
CA GLY B 353 6.40 -13.62 -22.04
C GLY B 353 4.98 -14.14 -22.23
N ASN B 354 4.84 -15.14 -23.10
CA ASN B 354 3.55 -15.74 -23.38
C ASN B 354 3.11 -16.59 -22.20
N LYS B 355 1.82 -16.54 -21.88
CA LYS B 355 1.30 -17.32 -20.77
C LYS B 355 0.68 -18.63 -21.26
N ILE B 356 1.24 -19.74 -20.76
CA ILE B 356 0.81 -21.07 -21.12
C ILE B 356 -0.32 -21.58 -20.22
N PRO B 357 -1.33 -22.22 -20.82
CA PRO B 357 -2.46 -22.75 -20.04
C PRO B 357 -2.06 -23.98 -19.23
N CYS B 358 -2.72 -24.21 -18.11
CA CYS B 358 -2.43 -25.38 -17.29
C CYS B 358 -2.97 -26.61 -17.96
N ALA B 359 -2.28 -27.73 -17.76
CA ALA B 359 -2.73 -29.01 -18.30
C ALA B 359 -3.76 -29.48 -17.27
N PRO B 360 -4.71 -30.33 -17.67
CA PRO B 360 -5.72 -30.82 -16.74
C PRO B 360 -5.20 -31.24 -15.37
N GLU B 361 -3.98 -31.78 -15.32
CA GLU B 361 -3.39 -32.25 -14.06
C GLU B 361 -2.58 -31.20 -13.30
N ASP B 362 -2.27 -30.08 -13.96
CA ASP B 362 -1.48 -29.03 -13.31
C ASP B 362 -2.35 -27.83 -12.94
N VAL B 363 -3.66 -28.04 -13.01
CA VAL B 363 -4.63 -27.00 -12.73
C VAL B 363 -4.54 -26.32 -11.36
N LYS B 364 -4.01 -27.01 -10.37
CA LYS B 364 -3.88 -26.46 -9.02
C LYS B 364 -2.58 -25.67 -8.86
N CYS B 365 -1.85 -25.48 -9.95
CA CYS B 365 -0.59 -24.75 -9.88
C CYS B 365 -0.56 -23.47 -10.68
N GLY B 366 -1.73 -23.00 -11.09
CA GLY B 366 -1.79 -21.77 -11.86
C GLY B 366 -2.38 -20.66 -11.00
N ARG B 367 -3.33 -19.91 -11.55
CA ARG B 367 -3.95 -18.84 -10.80
C ARG B 367 -4.66 -19.48 -9.62
N LEU B 368 -4.62 -18.83 -8.47
CA LEU B 368 -5.27 -19.34 -7.27
C LEU B 368 -6.73 -18.89 -7.22
N TYR B 369 -7.59 -19.73 -6.65
CA TYR B 369 -9.01 -19.42 -6.51
C TYR B 369 -9.45 -19.71 -5.09
N CYS B 370 -10.28 -18.83 -4.54
CA CYS B 370 -10.75 -19.01 -3.17
C CYS B 370 -12.25 -18.80 -3.08
N LYS B 371 -12.86 -19.33 -2.02
CA LYS B 371 -14.29 -19.19 -1.79
C LYS B 371 -14.58 -18.23 -0.64
N ASP B 372 -15.55 -17.34 -0.84
CA ASP B 372 -15.90 -16.37 0.18
C ASP B 372 -17.20 -16.76 0.89
N ASN B 373 -17.09 -17.31 2.08
CA ASN B 373 -18.27 -17.73 2.83
C ASN B 373 -18.89 -16.60 3.65
N SER B 374 -19.15 -15.47 2.99
CA SER B 374 -19.74 -14.31 3.65
C SER B 374 -21.23 -14.25 3.32
N PRO B 375 -22.07 -13.92 4.30
CA PRO B 375 -23.51 -13.84 4.04
C PRO B 375 -23.79 -12.87 2.89
N GLY B 376 -24.67 -13.28 1.97
CA GLY B 376 -25.00 -12.43 0.84
C GLY B 376 -24.01 -12.58 -0.30
N GLN B 377 -22.82 -11.99 -0.15
CA GLN B 377 -21.78 -12.08 -1.17
C GLN B 377 -21.47 -13.55 -1.44
N ASN B 378 -21.80 -14.01 -2.64
CA ASN B 378 -21.56 -15.39 -3.01
C ASN B 378 -20.73 -15.54 -4.29
N ASN B 379 -19.40 -15.53 -4.14
CA ASN B 379 -18.51 -15.71 -5.27
C ASN B 379 -17.71 -16.99 -5.00
N PRO B 380 -18.06 -18.08 -5.69
CA PRO B 380 -17.40 -19.38 -5.53
C PRO B 380 -15.94 -19.44 -5.98
N CYS B 381 -15.57 -18.65 -6.98
CA CYS B 381 -14.20 -18.66 -7.47
C CYS B 381 -13.48 -17.32 -7.39
N LYS B 382 -13.28 -16.79 -6.17
CA LYS B 382 -12.60 -15.52 -6.03
C LYS B 382 -11.14 -15.70 -6.46
N MET B 383 -10.66 -14.76 -7.26
CA MET B 383 -9.31 -14.82 -7.76
C MET B 383 -8.73 -13.41 -7.78
N PHE B 384 -7.41 -13.30 -7.75
CA PHE B 384 -6.78 -11.99 -7.79
C PHE B 384 -5.90 -11.80 -9.01
N TYR B 385 -6.14 -10.71 -9.73
CA TYR B 385 -5.38 -10.37 -10.91
C TYR B 385 -5.15 -8.87 -11.01
N SER B 386 -3.91 -8.49 -11.34
CA SER B 386 -3.54 -7.09 -11.49
C SER B 386 -2.37 -7.05 -12.46
N ASN B 387 -2.51 -6.27 -13.53
CA ASN B 387 -1.44 -6.18 -14.52
C ASN B 387 -0.25 -5.39 -14.02
N GLU B 388 -0.25 -5.07 -12.73
CA GLU B 388 0.88 -4.35 -12.12
C GLU B 388 1.88 -5.43 -11.76
N ASP B 389 1.35 -6.61 -11.42
CA ASP B 389 2.14 -7.77 -11.06
C ASP B 389 1.28 -9.01 -11.29
N GLU B 390 1.34 -9.55 -12.50
CA GLU B 390 0.55 -10.71 -12.88
C GLU B 390 0.86 -11.94 -12.05
N HIS B 391 2.05 -11.97 -11.42
CA HIS B 391 2.43 -13.11 -10.61
C HIS B 391 1.68 -13.16 -9.29
N LYS B 392 1.31 -12.01 -8.77
CA LYS B 392 0.56 -11.98 -7.51
C LYS B 392 -0.79 -12.67 -7.78
N GLY B 393 -1.17 -13.59 -6.90
CA GLY B 393 -2.43 -14.29 -7.08
C GLY B 393 -2.20 -15.69 -7.62
N MET B 394 -0.99 -15.93 -8.11
CA MET B 394 -0.61 -17.23 -8.65
C MET B 394 -0.19 -18.13 -7.49
N VAL B 395 -0.59 -19.40 -7.55
CA VAL B 395 -0.23 -20.35 -6.51
C VAL B 395 1.29 -20.37 -6.36
N LEU B 396 1.76 -20.11 -5.14
CA LEU B 396 3.19 -20.09 -4.86
C LEU B 396 3.86 -21.42 -5.15
N PRO B 397 5.12 -21.39 -5.58
CA PRO B 397 5.84 -22.63 -5.87
C PRO B 397 6.10 -23.39 -4.57
N GLY B 398 6.03 -24.71 -4.62
CA GLY B 398 6.25 -25.52 -3.44
C GLY B 398 4.93 -25.84 -2.75
N THR B 399 3.86 -25.19 -3.20
CA THR B 399 2.55 -25.41 -2.62
C THR B 399 2.07 -26.83 -2.89
N LYS B 400 1.49 -27.45 -1.87
CA LYS B 400 0.99 -28.81 -1.98
C LYS B 400 -0.27 -28.84 -2.83
N CYS B 401 -0.11 -29.20 -4.09
CA CYS B 401 -1.24 -29.26 -5.03
C CYS B 401 -2.03 -30.56 -4.93
N ALA B 402 -1.52 -31.50 -4.14
CA ALA B 402 -2.17 -32.79 -3.95
C ALA B 402 -1.37 -33.67 -3.00
N ASP B 403 -1.96 -34.78 -2.59
CA ASP B 403 -1.30 -35.70 -1.68
C ASP B 403 -0.01 -36.23 -2.30
N GLY B 404 1.12 -35.85 -1.68
CA GLY B 404 2.40 -36.30 -2.18
C GLY B 404 2.87 -35.53 -3.39
N LYS B 405 2.23 -34.39 -3.68
CA LYS B 405 2.61 -33.59 -4.83
C LYS B 405 2.71 -32.10 -4.56
N VAL B 406 3.65 -31.44 -5.22
CA VAL B 406 3.86 -29.99 -5.05
C VAL B 406 4.00 -29.29 -6.40
N CYS B 407 3.80 -27.98 -6.41
CA CYS B 407 3.90 -27.19 -7.64
C CYS B 407 5.33 -26.82 -7.97
N SER B 408 5.79 -27.26 -9.13
CA SER B 408 7.14 -26.97 -9.58
C SER B 408 7.06 -26.44 -11.00
N ASN B 409 7.06 -25.13 -11.12
CA ASN B 409 6.97 -24.44 -12.40
C ASN B 409 5.63 -24.72 -13.08
N GLY B 410 4.54 -24.37 -12.39
CA GLY B 410 3.22 -24.57 -12.94
C GLY B 410 2.82 -26.02 -13.11
N HIS B 411 3.63 -26.94 -12.58
CA HIS B 411 3.33 -28.36 -12.68
C HIS B 411 3.11 -28.98 -11.31
N CYS B 412 2.09 -29.84 -11.21
CA CYS B 412 1.79 -30.54 -9.97
C CYS B 412 2.51 -31.88 -10.02
N VAL B 413 3.73 -31.91 -9.49
CA VAL B 413 4.55 -33.12 -9.51
C VAL B 413 4.74 -33.78 -8.15
N ASP B 414 5.17 -35.04 -8.17
CA ASP B 414 5.42 -35.79 -6.94
C ASP B 414 6.51 -35.12 -6.11
N VAL B 415 6.27 -35.02 -4.80
CA VAL B 415 7.21 -34.40 -3.89
C VAL B 415 8.58 -35.09 -3.94
N ALA B 416 8.57 -36.41 -3.83
CA ALA B 416 9.81 -37.19 -3.86
C ALA B 416 10.70 -36.88 -5.06
N THR B 417 10.09 -36.54 -6.19
CA THR B 417 10.84 -36.23 -7.40
C THR B 417 10.81 -34.74 -7.70
N ALA B 418 10.38 -33.94 -6.72
CA ALA B 418 10.31 -32.49 -6.91
C ALA B 418 11.65 -31.83 -6.64
N TYR B 419 12.43 -32.44 -5.74
CA TYR B 419 13.74 -31.91 -5.39
C TYR B 419 14.79 -33.02 -5.36
C1 NAG C . -1.78 -9.40 18.95
C2 NAG C . -0.86 -9.93 17.87
C3 NAG C . -0.38 -11.31 18.29
C4 NAG C . 0.28 -11.24 19.69
C5 NAG C . -0.58 -10.47 20.71
C6 NAG C . 0.19 -10.11 21.96
C7 NAG C . -1.38 -9.10 15.67
C8 NAG C . -0.92 -9.57 14.31
N2 NAG C . -1.58 -10.02 16.61
O3 NAG C . 0.55 -11.80 17.35
O4 NAG C . 0.50 -12.57 20.19
O5 NAG C . -1.05 -9.21 20.15
O6 NAG C . -0.64 -10.32 23.11
O7 NAG C . -1.55 -7.89 15.87
C1 NAG C . 1.64 -13.25 19.77
C2 NAG C . 2.04 -14.23 20.88
C3 NAG C . 3.19 -15.13 20.42
C4 NAG C . 2.76 -15.83 19.14
C5 NAG C . 2.38 -14.79 18.08
C6 NAG C . 1.88 -15.44 16.79
C7 NAG C . 1.84 -13.69 23.23
C8 NAG C . 2.35 -12.88 24.40
N2 NAG C . 2.45 -13.50 22.06
O3 NAG C . 3.48 -16.10 21.42
O4 NAG C . 3.81 -16.68 18.65
O5 NAG C . 1.31 -13.96 18.56
O6 NAG C . 1.28 -14.48 15.93
O7 NAG C . 0.89 -14.47 23.38
C1 BMA C . 3.49 -18.00 18.49
C2 BMA C . 4.57 -18.66 17.64
C3 BMA C . 4.22 -20.13 17.47
C4 BMA C . 4.08 -20.81 18.85
C5 BMA C . 3.08 -20.03 19.71
C6 BMA C . 3.11 -20.57 21.11
O2 BMA C . 5.82 -18.53 18.31
O3 BMA C . 5.26 -20.80 16.73
O4 BMA C . 3.63 -22.16 18.68
O5 BMA C . 3.44 -18.62 19.79
O6 BMA C . 4.47 -20.61 21.58
C1 MAN C . 4.81 -21.75 15.80
C2 MAN C . 6.02 -22.51 15.23
C3 MAN C . 6.70 -21.87 13.98
C4 MAN C . 5.78 -21.03 13.10
C5 MAN C . 4.78 -20.25 13.94
C6 MAN C . 3.78 -19.45 13.12
O2 MAN C . 5.74 -23.92 15.03
O3 MAN C . 7.31 -22.89 13.20
O4 MAN C . 6.56 -20.12 12.33
O5 MAN C . 4.04 -21.15 14.77
O6 MAN C . 3.67 -18.12 13.62
C1 NAG C . 4.92 -24.42 14.02
C2 NAG C . 4.74 -25.93 14.25
C3 NAG C . 3.69 -26.51 13.32
C4 NAG C . 2.39 -25.73 13.41
C5 NAG C . 2.70 -24.24 13.14
C6 NAG C . 1.45 -23.38 13.25
C7 NAG C . 6.85 -26.77 15.06
C8 NAG C . 8.01 -25.79 15.16
N2 NAG C . 6.00 -26.62 14.05
O3 NAG C . 3.46 -27.88 13.68
O4 NAG C . 1.47 -26.22 12.45
O5 NAG C . 3.65 -23.75 14.11
O6 NAG C . 1.66 -22.11 12.66
O7 NAG C . 6.73 -27.67 15.91
C1 MAN C . 4.62 -19.98 22.82
C2 MAN C . 6.13 -19.80 23.11
C3 MAN C . 6.78 -21.13 23.43
C4 MAN C . 6.00 -21.91 24.50
C5 MAN C . 4.52 -22.04 24.06
C6 MAN C . 3.61 -22.80 25.03
O2 MAN C . 6.31 -18.87 24.19
O3 MAN C . 8.10 -20.91 23.89
O4 MAN C . 6.57 -23.21 24.64
O5 MAN C . 3.98 -20.71 23.87
O6 MAN C . 3.03 -21.93 26.00
C1 NAG C . 6.31 -17.51 23.85
C2 NAG C . 5.90 -16.67 25.06
C3 NAG C . 6.04 -15.18 24.77
C4 NAG C . 7.43 -14.87 24.20
C5 NAG C . 7.72 -15.78 23.00
C6 NAG C . 9.09 -15.55 22.43
C7 NAG C . 4.23 -17.90 26.31
C8 NAG C . 3.04 -18.80 26.01
N2 NAG C . 4.52 -16.96 25.42
O3 NAG C . 5.84 -14.44 25.96
O4 NAG C . 7.48 -13.51 23.80
O5 NAG C . 7.63 -17.16 23.40
O6 NAG C . 9.23 -14.23 21.92
O7 NAG C . 4.89 -18.08 27.34
C1 NAG C . 4.37 -23.14 19.30
C2 NAG C . 3.48 -24.37 19.49
C3 NAG C . 4.28 -25.59 19.96
C4 NAG C . 5.50 -25.79 19.05
C5 NAG C . 6.31 -24.51 19.02
C6 NAG C . 7.55 -24.65 18.14
C7 NAG C . 1.17 -24.05 20.10
C8 NAG C . 0.15 -24.21 21.21
N2 NAG C . 2.46 -24.06 20.46
O3 NAG C . 3.47 -26.75 19.92
O4 NAG C . 6.30 -26.86 19.54
O5 NAG C . 5.51 -23.45 18.47
O6 NAG C . 8.15 -23.39 17.89
O7 NAG C . 0.82 -23.89 18.94
C1 FUC C . 0.09 -10.29 24.30
C2 FUC C . -0.14 -8.97 25.03
C3 FUC C . -1.61 -8.87 25.46
C4 FUC C . -2.02 -10.08 26.28
C5 FUC C . -1.64 -11.40 25.57
C6 FUC C . -1.83 -12.62 26.46
O2 FUC C . 0.17 -7.89 24.15
O3 FUC C . -1.79 -7.69 26.22
O4 FUC C . -1.40 -10.03 27.56
O5 FUC C . -0.25 -11.37 25.17
C1 NAG D . 9.83 18.30 -1.28
C2 NAG D . 8.33 18.19 -1.49
C3 NAG D . 7.84 19.55 -2.01
C4 NAG D . 8.26 20.67 -1.02
C5 NAG D . 9.75 20.60 -0.65
C6 NAG D . 10.02 21.51 0.54
C7 NAG D . 7.13 16.20 -2.13
C8 NAG D . 5.69 16.42 -2.58
N2 NAG D . 8.02 17.14 -2.44
O3 NAG D . 6.43 19.51 -2.15
O4 NAG D . 7.99 21.97 -1.58
O5 NAG D . 10.12 19.26 -0.26
O6 NAG D . 11.41 21.91 0.55
O7 NAG D . 7.43 15.17 -1.53
C1 NAG D . 6.73 22.48 -1.43
C2 NAG D . 6.79 24.01 -1.51
C3 NAG D . 5.40 24.63 -1.61
C4 NAG D . 4.61 23.96 -2.74
C5 NAG D . 4.58 22.46 -2.51
C6 NAG D . 3.84 21.70 -3.59
C7 NAG D . 8.58 25.25 -0.45
C8 NAG D . 9.26 25.68 0.84
N2 NAG D . 7.46 24.54 -0.33
O3 NAG D . 5.51 26.02 -1.87
O4 NAG D . 3.26 24.49 -2.81
O5 NAG D . 5.92 21.96 -2.51
O6 NAG D . 4.50 21.84 -4.85
O7 NAG D . 9.07 25.55 -1.53
C1 BMA D . 2.92 25.13 -4.01
C2 BMA D . 1.39 25.28 -4.11
C3 BMA D . 1.06 26.01 -5.42
C4 BMA D . 1.80 27.34 -5.48
C5 BMA D . 3.30 27.15 -5.25
C6 BMA D . 3.98 28.49 -5.09
O2 BMA D . 0.90 26.05 -3.02
O3 BMA D . -0.36 26.26 -5.48
O4 BMA D . 1.59 27.94 -6.76
O5 BMA D . 3.53 26.43 -4.01
O6 BMA D . 3.34 29.21 -4.02
C1 MAN D . -0.93 26.18 -6.75
C2 MAN D . -2.33 26.80 -6.71
C3 MAN D . -3.46 25.85 -6.22
C4 MAN D . -3.23 24.37 -6.56
C5 MAN D . -1.77 23.99 -6.39
C6 MAN D . -1.43 22.57 -6.73
O2 MAN D . -2.70 27.49 -7.94
O3 MAN D . -4.71 26.28 -6.75
O4 MAN D . -4.03 23.56 -5.70
O5 MAN D . -0.97 24.85 -7.22
O6 MAN D . -0.21 22.17 -6.12
C1 NAG D . -3.03 26.82 -9.12
C2 NAG D . -3.28 27.89 -10.22
C3 NAG D . -3.46 27.22 -11.57
C4 NAG D . -2.28 26.31 -11.88
C5 NAG D . -2.10 25.30 -10.74
C6 NAG D . -0.88 24.42 -10.94
C7 NAG D . -4.32 29.81 -9.21
C8 NAG D . -4.73 29.77 -7.75
N2 NAG D . -4.44 28.69 -9.91
O3 NAG D . -3.60 28.22 -12.58
O4 NAG D . -2.51 25.64 -13.11
O5 NAG D . -1.92 26.00 -9.48
O6 NAG D . -1.00 23.20 -10.21
O7 NAG D . -3.91 30.86 -9.70
C1 MAN D . 4.26 29.69 -3.09
C2 MAN D . 3.50 30.21 -1.86
C3 MAN D . 2.77 31.51 -2.18
C4 MAN D . 3.75 32.54 -2.74
C5 MAN D . 4.42 31.94 -3.99
C6 MAN D . 5.44 32.86 -4.62
O2 MAN D . 4.41 30.42 -0.77
O3 MAN D . 2.17 32.02 -1.00
O4 MAN D . 3.06 33.74 -3.07
O5 MAN D . 5.11 30.73 -3.63
O6 MAN D . 6.58 33.01 -3.78
C1 NAG D . 4.46 29.42 0.16
C2 NAG D . 5.80 29.50 0.91
C3 NAG D . 5.82 28.45 2.02
C4 NAG D . 4.60 28.61 2.93
C5 NAG D . 3.33 28.53 2.08
C6 NAG D . 2.05 28.72 2.88
C7 NAG D . 7.24 30.20 -0.89
C8 NAG D . 7.52 29.71 -2.31
N2 NAG D . 6.90 29.27 0.01
O3 NAG D . 7.01 28.61 2.79
O4 NAG D . 4.59 27.57 3.90
O5 NAG D . 3.36 29.57 1.07
O6 NAG D . 1.99 27.79 3.96
O7 NAG D . 7.33 31.38 -0.62
C1 NAG D . 1.28 29.29 -6.78
C2 NAG D . 1.61 29.82 -8.18
C3 NAG D . 1.12 31.25 -8.37
C4 NAG D . -0.36 31.34 -8.00
C5 NAG D . -0.57 30.81 -6.59
C6 NAG D . -2.04 30.83 -6.19
C7 NAG D . 3.54 29.15 -9.44
C8 NAG D . 4.90 29.64 -9.94
N2 NAG D . 3.04 29.76 -8.37
O3 NAG D . 1.30 31.64 -9.72
O4 NAG D . -0.81 32.68 -8.10
O5 NAG D . -0.13 29.44 -6.50
O6 NAG D . -2.42 29.64 -5.51
O7 NAG D . 2.95 28.24 -10.02
C1 FUC D . 11.64 22.90 1.51
C2 FUC D . 12.88 22.55 2.34
C3 FUC D . 14.12 22.57 1.42
C4 FUC D . 14.26 23.93 0.72
C5 FUC D . 12.94 24.31 0.01
C6 FUC D . 12.94 25.72 -0.55
O2 FUC D . 12.72 21.25 2.91
O3 FUC D . 15.29 22.30 2.20
O4 FUC D . 14.57 24.93 1.68
O5 FUC D . 11.82 24.20 0.93
ZN ZN E . -19.40 -13.12 13.98
CA CA F . -21.98 9.71 8.54
CA CA G . -22.00 13.93 25.25
CA CA H . -13.17 24.92 -0.04
ZN ZN I . 18.03 11.64 -16.79
CA CA J . 24.06 -7.88 -4.77
CA CA K . 35.90 1.31 4.03
CA CA L . 17.13 -20.24 9.50
#